data_1Z8N
#
_entry.id   1Z8N
#
_cell.length_a   179.081
_cell.length_b   179.081
_cell.length_c   186.077
_cell.angle_alpha   90.00
_cell.angle_beta   90.00
_cell.angle_gamma   120.00
#
_symmetry.space_group_name_H-M   'P 64 2 2'
#
loop_
_entity.id
_entity.type
_entity.pdbx_description
1 polymer 'Acetolactate synthase'
2 non-polymer 'MAGNESIUM ION'
3 non-polymer '2-(4-ISOPROPYL-4-METHYL-5-OXO-4,5-DIHYDRO-1H-IMIDAZOL-2-YL)QUINOLINE-3-CARBOXYLIC ACID'
4 non-polymer '2-[N-CYCLOHEXYLAMINO]ETHANE SULFONIC ACID'
5 non-polymer 'FLAVIN-ADENINE DINUCLEOTIDE'
6 non-polymer 'THIAMINE DIPHOSPHATE'
7 water water
#
_entity_poly.entity_id   1
_entity_poly.type   'polypeptide(L)'
_entity_poly.pdbx_seq_one_letter_code
;TFISRFAPDQPRKGADILVEALERQGVETVFAYPGGASMEIHQALTRSSSIRNVLPRHEQGGVFAAEGYARSSGKPGICI
ATSGPGATNLVSGLADALLDSVPLVAITGQVPRRMIGTDAFQETPIVEVTRSITKHNYLVMDVEDIPRIIEEAFFLATSG
RPGPVLVDVPKDIQQQLAIPNWEQAMRLPGYMSRMPKPPEDSHLEQIVRLISESKKPVLYVGGGCLNSSDELGRFVELTG
IPVASTLMGLGSYP(CSD)DDELSLHMLGMHGTVYANYAVEHSDLLLAFGVRFDDRVTGKLEAFASRAKIVHIDIDSAEI
GKNKTPHVSVCGDVKLALQGMNKVLENRAEELKLDFGVWRNELNVQKQKFPLSFKTFGEAIPPQYAIKVLDELTDGKAII
STGVGQHQMWAAQFYNYKKPRQWLSSGGLGAMGFGLPAAIGASVANPDAIVVDIDGDGSFIMNVQELATIRVENLPVKVL
LLNNQHLGMVMQWEDRFYKANRAHTFLGDPAQEDEIFPNMLLFAAACGIPAARVTKKADLREAIQTMLDTPGPYLLDVIC
PHQEHVLPMIPSGGTFNDVITEGDGRLEHHHHHH
;
_entity_poly.pdbx_strand_id   A
#
loop_
_chem_comp.id
_chem_comp.type
_chem_comp.name
_chem_comp.formula
1IQ non-polymer '2-(4-ISOPROPYL-4-METHYL-5-OXO-4,5-DIHYDRO-1H-IMIDAZOL-2-YL)QUINOLINE-3-CARBOXYLIC ACID' 'C17 H17 N3 O3'
FAD non-polymer 'FLAVIN-ADENINE DINUCLEOTIDE' 'C27 H33 N9 O15 P2'
MG non-polymer 'MAGNESIUM ION' 'Mg 2'
NHE non-polymer '2-[N-CYCLOHEXYLAMINO]ETHANE SULFONIC ACID' 'C8 H17 N O3 S'
TPP non-polymer 'THIAMINE DIPHOSPHATE' 'C12 H19 N4 O7 P2 S 1'
#
# COMPACT_ATOMS: atom_id res chain seq x y z
N THR A 1 20.36 25.94 -3.55
CA THR A 1 19.37 27.04 -3.34
C THR A 1 18.27 26.98 -4.40
N PHE A 2 17.03 27.17 -3.96
CA PHE A 2 15.88 27.15 -4.84
C PHE A 2 15.77 28.43 -5.66
N ILE A 3 15.82 28.30 -6.99
CA ILE A 3 15.70 29.45 -7.88
C ILE A 3 14.22 29.72 -8.12
N SER A 4 13.70 30.76 -7.48
CA SER A 4 12.30 31.14 -7.61
C SER A 4 11.98 31.72 -8.97
N ARG A 5 10.69 31.90 -9.25
CA ARG A 5 10.25 32.48 -10.52
C ARG A 5 9.85 33.92 -10.25
N PHE A 6 9.83 34.30 -8.99
CA PHE A 6 9.46 35.66 -8.60
C PHE A 6 10.57 36.33 -7.79
N ALA A 7 10.58 37.66 -7.80
CA ALA A 7 11.60 38.41 -7.06
C ALA A 7 11.31 38.29 -5.57
N PRO A 8 12.36 38.13 -4.75
CA PRO A 8 12.20 38.01 -3.29
C PRO A 8 11.32 39.08 -2.64
N ASP A 9 11.07 40.16 -3.36
CA ASP A 9 10.25 41.24 -2.83
C ASP A 9 9.05 41.47 -3.74
N GLN A 10 8.93 40.64 -4.77
CA GLN A 10 7.84 40.77 -5.72
C GLN A 10 6.59 40.02 -5.24
N PRO A 11 5.48 40.75 -5.11
CA PRO A 11 4.23 40.13 -4.67
C PRO A 11 3.64 39.26 -5.78
N ARG A 12 3.08 38.12 -5.41
CA ARG A 12 2.46 37.23 -6.38
C ARG A 12 1.22 36.59 -5.73
N LYS A 13 0.37 35.98 -6.54
CA LYS A 13 -0.84 35.34 -6.03
C LYS A 13 -0.53 34.25 -5.02
N GLY A 14 -1.47 34.03 -4.10
CA GLY A 14 -1.28 32.99 -3.09
C GLY A 14 -1.15 31.66 -3.80
N ALA A 15 -1.93 31.48 -4.86
CA ALA A 15 -1.91 30.26 -5.64
C ALA A 15 -0.49 30.01 -6.10
N ASP A 16 0.22 31.07 -6.49
CA ASP A 16 1.60 30.95 -6.94
C ASP A 16 2.50 30.59 -5.77
N ILE A 17 2.23 31.18 -4.61
CA ILE A 17 3.02 30.89 -3.42
C ILE A 17 2.86 29.41 -3.05
N LEU A 18 1.64 28.87 -3.21
CA LEU A 18 1.40 27.47 -2.91
C LEU A 18 2.28 26.60 -3.81
N VAL A 19 2.09 26.72 -5.11
CA VAL A 19 2.89 25.94 -6.05
C VAL A 19 4.38 26.04 -5.75
N GLU A 20 4.86 27.25 -5.48
CA GLU A 20 6.28 27.40 -5.17
C GLU A 20 6.64 26.69 -3.88
N ALA A 21 5.66 26.58 -2.99
CA ALA A 21 5.87 25.90 -1.72
C ALA A 21 6.07 24.41 -1.97
N LEU A 22 5.42 23.90 -3.01
CA LEU A 22 5.52 22.50 -3.38
C LEU A 22 6.86 22.24 -4.05
N GLU A 23 7.27 23.15 -4.92
CA GLU A 23 8.55 23.00 -5.61
C GLU A 23 9.68 22.97 -4.59
N ARG A 24 9.59 23.84 -3.59
CA ARG A 24 10.59 23.92 -2.53
C ARG A 24 10.61 22.65 -1.68
N GLN A 25 9.56 21.84 -1.79
CA GLN A 25 9.47 20.58 -1.04
C GLN A 25 9.96 19.42 -1.89
N GLY A 26 10.42 19.72 -3.10
CA GLY A 26 10.93 18.69 -4.00
C GLY A 26 9.88 18.02 -4.88
N VAL A 27 8.63 18.44 -4.73
CA VAL A 27 7.53 17.87 -5.51
C VAL A 27 7.76 18.06 -7.01
N GLU A 28 7.62 16.97 -7.76
CA GLU A 28 7.82 17.01 -9.21
C GLU A 28 6.55 16.54 -9.90
N THR A 29 5.69 15.89 -9.12
CA THR A 29 4.47 15.32 -9.66
C THR A 29 3.22 15.55 -8.80
N VAL A 30 2.13 15.87 -9.45
CA VAL A 30 0.86 16.03 -8.76
C VAL A 30 -0.20 15.33 -9.59
N PHE A 31 -1.33 15.05 -8.97
CA PHE A 31 -2.42 14.43 -9.68
C PHE A 31 -3.58 15.36 -9.35
N ALA A 32 -3.84 16.29 -10.25
CA ALA A 32 -4.88 17.27 -10.02
C ALA A 32 -5.96 17.34 -11.10
N TYR A 33 -7.20 17.38 -10.65
CA TYR A 33 -8.36 17.47 -11.52
C TYR A 33 -8.97 18.84 -11.24
N PRO A 34 -9.09 19.68 -12.27
CA PRO A 34 -9.63 21.04 -12.23
C PRO A 34 -11.01 21.26 -11.61
N GLY A 35 -11.28 22.52 -11.25
CA GLY A 35 -12.54 22.91 -10.65
C GLY A 35 -12.54 24.40 -10.35
N GLY A 36 -13.72 24.98 -10.18
CA GLY A 36 -13.81 26.40 -9.91
C GLY A 36 -12.92 26.84 -8.77
N ALA A 37 -13.01 26.14 -7.64
CA ALA A 37 -12.23 26.46 -6.44
C ALA A 37 -10.72 26.29 -6.56
N SER A 38 -10.25 25.53 -7.55
CA SER A 38 -8.82 25.33 -7.71
C SER A 38 -8.23 25.91 -9.00
N MET A 39 -9.07 26.53 -9.83
CA MET A 39 -8.58 27.12 -11.08
C MET A 39 -7.28 27.91 -10.92
N GLU A 40 -7.28 28.87 -9.98
CA GLU A 40 -6.09 29.68 -9.73
C GLU A 40 -4.88 28.78 -9.53
N ILE A 41 -5.05 27.74 -8.71
CA ILE A 41 -3.97 26.80 -8.44
C ILE A 41 -3.48 26.14 -9.74
N HIS A 42 -4.42 25.62 -10.53
CA HIS A 42 -4.07 24.99 -11.79
C HIS A 42 -3.31 25.96 -12.70
N GLN A 43 -3.80 27.19 -12.80
CA GLN A 43 -3.12 28.19 -13.61
C GLN A 43 -1.68 28.33 -13.09
N ALA A 44 -1.54 28.41 -11.77
CA ALA A 44 -0.23 28.53 -11.14
C ALA A 44 0.65 27.31 -11.43
N LEU A 45 0.02 26.16 -11.63
CA LEU A 45 0.75 24.94 -11.93
C LEU A 45 1.37 25.01 -13.33
N THR A 46 0.63 25.58 -14.27
CA THR A 46 1.13 25.70 -15.64
C THR A 46 2.33 26.64 -15.71
N ARG A 47 2.45 27.53 -14.72
CA ARG A 47 3.57 28.47 -14.69
C ARG A 47 4.82 27.76 -14.19
N SER A 48 4.65 26.57 -13.63
CA SER A 48 5.77 25.79 -13.13
C SER A 48 6.23 24.79 -14.17
N SER A 49 7.54 24.59 -14.27
CA SER A 49 8.09 23.65 -15.23
C SER A 49 8.70 22.44 -14.55
N SER A 50 8.95 22.54 -13.24
CA SER A 50 9.53 21.42 -12.52
C SER A 50 8.47 20.41 -12.09
N ILE A 51 7.21 20.81 -12.11
CA ILE A 51 6.12 19.93 -11.70
C ILE A 51 5.22 19.49 -12.85
N ARG A 52 5.11 18.18 -13.04
CA ARG A 52 4.22 17.64 -14.07
C ARG A 52 2.90 17.31 -13.37
N ASN A 53 1.80 17.63 -14.05
CA ASN A 53 0.50 17.33 -13.51
C ASN A 53 -0.13 16.23 -14.34
N VAL A 54 -0.53 15.16 -13.69
CA VAL A 54 -1.17 14.07 -14.39
C VAL A 54 -2.66 14.19 -14.10
N LEU A 55 -3.43 14.58 -15.12
CA LEU A 55 -4.88 14.74 -14.98
C LEU A 55 -5.60 13.39 -15.03
N PRO A 56 -6.28 13.01 -13.93
CA PRO A 56 -7.01 11.74 -13.89
C PRO A 56 -8.41 11.97 -14.47
N ARG A 57 -9.20 10.91 -14.60
CA ARG A 57 -10.54 11.08 -15.13
C ARG A 57 -11.59 11.16 -14.01
N HIS A 58 -11.13 10.97 -12.78
CA HIS A 58 -11.97 11.01 -11.59
C HIS A 58 -11.03 11.22 -10.40
N GLU A 59 -11.41 12.08 -9.45
CA GLU A 59 -10.57 12.34 -8.29
C GLU A 59 -10.11 11.10 -7.55
N GLN A 60 -11.00 10.13 -7.39
CA GLN A 60 -10.60 8.93 -6.70
C GLN A 60 -9.38 8.29 -7.37
N GLY A 61 -9.29 8.41 -8.69
CA GLY A 61 -8.15 7.89 -9.41
C GLY A 61 -6.98 8.76 -9.04
N GLY A 62 -7.22 10.07 -8.96
CA GLY A 62 -6.17 11.01 -8.61
C GLY A 62 -5.53 10.67 -7.28
N VAL A 63 -6.34 10.51 -6.24
CA VAL A 63 -5.80 10.19 -4.92
C VAL A 63 -5.14 8.80 -4.90
N PHE A 64 -5.73 7.81 -5.57
CA PHE A 64 -5.15 6.46 -5.59
C PHE A 64 -3.83 6.45 -6.39
N ALA A 65 -3.73 7.31 -7.39
CA ALA A 65 -2.50 7.38 -8.18
C ALA A 65 -1.42 8.03 -7.30
N ALA A 66 -1.86 8.95 -6.45
CA ALA A 66 -0.96 9.63 -5.54
C ALA A 66 -0.43 8.61 -4.53
N GLU A 67 -1.27 7.65 -4.17
CA GLU A 67 -0.86 6.60 -3.25
C GLU A 67 0.14 5.69 -3.94
N GLY A 68 -0.14 5.36 -5.19
CA GLY A 68 0.75 4.52 -5.97
C GLY A 68 2.11 5.18 -6.04
N TYR A 69 2.10 6.46 -6.39
CA TYR A 69 3.30 7.27 -6.50
C TYR A 69 4.08 7.14 -5.19
N ALA A 70 3.38 7.38 -4.08
CA ALA A 70 4.00 7.30 -2.76
C ALA A 70 4.51 5.90 -2.39
N ARG A 71 3.65 4.89 -2.44
CA ARG A 71 4.03 3.52 -2.10
C ARG A 71 5.16 2.99 -2.98
N SER A 72 5.12 3.30 -4.28
CA SER A 72 6.12 2.82 -5.24
C SER A 72 7.49 3.49 -5.11
N SER A 73 7.54 4.60 -4.39
CA SER A 73 8.79 5.35 -4.19
C SER A 73 8.92 5.80 -2.73
N GLY A 74 9.79 6.76 -2.50
CA GLY A 74 9.97 7.27 -1.16
C GLY A 74 9.24 8.59 -0.99
N LYS A 75 9.08 9.32 -2.09
CA LYS A 75 8.39 10.60 -2.04
C LYS A 75 6.94 10.43 -1.63
N PRO A 76 6.31 11.51 -1.12
CA PRO A 76 4.92 11.43 -0.71
C PRO A 76 4.03 11.66 -1.93
N GLY A 77 2.76 11.29 -1.84
CA GLY A 77 1.86 11.49 -2.95
C GLY A 77 1.20 12.85 -2.81
N ILE A 78 1.04 13.55 -3.92
CA ILE A 78 0.40 14.85 -3.87
C ILE A 78 -0.76 14.89 -4.86
N CYS A 79 -1.95 15.06 -4.35
CA CYS A 79 -3.11 15.14 -5.24
C CYS A 79 -3.84 16.45 -4.96
N ILE A 80 -4.44 17.01 -5.99
CA ILE A 80 -5.17 18.28 -5.88
C ILE A 80 -6.56 18.19 -6.47
N ALA A 81 -7.53 18.81 -5.80
CA ALA A 81 -8.90 18.80 -6.28
C ALA A 81 -9.66 20.07 -5.92
N THR A 82 -10.76 20.30 -6.61
CA THR A 82 -11.59 21.47 -6.34
C THR A 82 -12.48 21.21 -5.13
N SER A 83 -13.31 22.18 -4.80
CA SER A 83 -14.19 22.07 -3.66
C SER A 83 -15.34 21.10 -3.88
N GLY A 84 -16.16 20.97 -2.84
CA GLY A 84 -17.34 20.13 -2.88
C GLY A 84 -17.18 18.75 -3.45
N PRO A 85 -17.85 18.47 -4.58
CA PRO A 85 -17.78 17.16 -5.25
C PRO A 85 -16.34 16.71 -5.52
N GLY A 86 -15.47 17.63 -5.91
CA GLY A 86 -14.10 17.27 -6.18
C GLY A 86 -13.47 16.71 -4.91
N ALA A 87 -13.53 17.52 -3.86
CA ALA A 87 -12.98 17.18 -2.55
C ALA A 87 -13.52 15.90 -1.92
N THR A 88 -14.84 15.72 -1.91
CA THR A 88 -15.42 14.52 -1.30
C THR A 88 -15.01 13.28 -2.07
N ASN A 89 -14.57 13.48 -3.31
CA ASN A 89 -14.18 12.35 -4.11
C ASN A 89 -12.83 11.79 -3.70
N LEU A 90 -12.14 12.46 -2.78
CA LEU A 90 -10.84 12.00 -2.29
C LEU A 90 -10.96 11.21 -0.99
N VAL A 91 -12.11 11.34 -0.35
CA VAL A 91 -12.35 10.70 0.94
C VAL A 91 -11.87 9.24 1.06
N SER A 92 -12.23 8.41 0.10
CA SER A 92 -11.81 7.01 0.11
C SER A 92 -10.30 6.89 0.12
N GLY A 93 -9.64 7.73 -0.67
CA GLY A 93 -8.18 7.71 -0.77
C GLY A 93 -7.46 8.03 0.54
N LEU A 94 -7.95 9.03 1.25
CA LEU A 94 -7.37 9.42 2.50
C LEU A 94 -7.49 8.29 3.56
N ALA A 95 -8.68 7.72 3.70
CA ALA A 95 -8.90 6.66 4.68
C ALA A 95 -7.95 5.52 4.35
N ASP A 96 -7.82 5.24 3.06
CA ASP A 96 -6.93 4.19 2.61
C ASP A 96 -5.52 4.56 3.04
N ALA A 97 -5.06 5.74 2.65
CA ALA A 97 -3.72 6.18 3.00
C ALA A 97 -3.47 6.30 4.53
N LEU A 98 -4.52 6.56 5.29
CA LEU A 98 -4.35 6.69 6.73
C LEU A 98 -4.19 5.32 7.39
N LEU A 99 -4.99 4.36 6.92
CA LEU A 99 -4.93 3.00 7.46
C LEU A 99 -3.65 2.26 7.11
N ASP A 100 -3.12 2.49 5.90
CA ASP A 100 -1.88 1.83 5.49
C ASP A 100 -0.68 2.74 5.70
N SER A 101 -0.86 3.76 6.53
CA SER A 101 0.20 4.72 6.82
C SER A 101 1.00 5.10 5.58
N VAL A 102 0.40 5.89 4.70
CA VAL A 102 1.02 6.32 3.47
C VAL A 102 1.20 7.84 3.37
N PRO A 103 2.42 8.30 3.08
CA PRO A 103 2.74 9.73 2.94
C PRO A 103 1.87 10.32 1.84
N LEU A 104 1.05 11.30 2.18
CA LEU A 104 0.17 11.89 1.20
C LEU A 104 -0.16 13.32 1.55
N VAL A 105 -0.26 14.17 0.54
CA VAL A 105 -0.64 15.56 0.78
C VAL A 105 -1.73 15.92 -0.22
N ALA A 106 -2.90 16.24 0.31
CA ALA A 106 -4.04 16.58 -0.52
C ALA A 106 -4.38 18.06 -0.42
N ILE A 107 -4.44 18.72 -1.57
CA ILE A 107 -4.79 20.14 -1.58
C ILE A 107 -6.16 20.29 -2.22
N THR A 108 -7.11 20.76 -1.43
CA THR A 108 -8.46 20.97 -1.92
C THR A 108 -8.75 22.47 -1.94
N GLY A 109 -9.36 22.95 -3.02
CA GLY A 109 -9.70 24.35 -3.09
C GLY A 109 -11.00 24.55 -2.33
N GLN A 110 -11.14 25.67 -1.64
CA GLN A 110 -12.37 25.94 -0.88
C GLN A 110 -13.02 27.23 -1.36
N VAL A 111 -14.26 27.46 -0.95
CA VAL A 111 -14.99 28.67 -1.33
C VAL A 111 -14.36 29.82 -0.53
N PRO A 112 -14.54 31.07 -0.98
CA PRO A 112 -13.97 32.22 -0.26
C PRO A 112 -14.30 32.22 1.22
N ARG A 113 -13.33 32.65 2.04
CA ARG A 113 -13.49 32.71 3.49
C ARG A 113 -14.87 33.17 3.99
N ARG A 114 -15.30 34.33 3.52
CA ARG A 114 -16.58 34.90 3.95
C ARG A 114 -17.79 34.02 3.65
N MET A 115 -17.68 33.16 2.65
CA MET A 115 -18.78 32.28 2.26
C MET A 115 -18.79 30.94 2.98
N ILE A 116 -17.76 30.69 3.78
CA ILE A 116 -17.68 29.44 4.50
C ILE A 116 -18.82 29.44 5.53
N GLY A 117 -19.59 28.36 5.55
CA GLY A 117 -20.71 28.25 6.47
C GLY A 117 -22.01 28.81 5.90
N THR A 118 -21.90 29.65 4.89
CA THR A 118 -23.07 30.25 4.26
C THR A 118 -23.75 29.18 3.43
N ASP A 119 -23.10 28.02 3.36
CA ASP A 119 -23.61 26.89 2.61
C ASP A 119 -23.69 27.31 1.14
N ALA A 120 -22.59 27.87 0.64
CA ALA A 120 -22.51 28.35 -0.73
C ALA A 120 -22.54 27.24 -1.76
N PHE A 121 -22.27 27.61 -3.01
CA PHE A 121 -22.27 26.67 -4.12
C PHE A 121 -20.98 25.87 -4.20
N GLN A 122 -21.15 24.56 -4.35
CA GLN A 122 -20.02 23.64 -4.45
C GLN A 122 -19.13 23.74 -3.22
N GLU A 123 -19.76 23.97 -2.07
CA GLU A 123 -19.05 24.09 -0.81
C GLU A 123 -19.33 22.89 0.09
N THR A 124 -18.32 22.46 0.81
CA THR A 124 -18.44 21.31 1.70
C THR A 124 -17.46 21.51 2.84
N PRO A 125 -17.85 21.12 4.06
CA PRO A 125 -16.99 21.25 5.25
C PRO A 125 -15.93 20.16 5.14
N ILE A 126 -15.06 20.24 4.14
CA ILE A 126 -14.07 19.19 3.96
C ILE A 126 -13.19 18.89 5.18
N VAL A 127 -12.79 19.94 5.89
CA VAL A 127 -11.96 19.77 7.07
C VAL A 127 -12.67 18.93 8.13
N GLU A 128 -13.96 19.19 8.35
CA GLU A 128 -14.74 18.44 9.34
C GLU A 128 -14.91 16.97 8.91
N VAL A 129 -15.23 16.77 7.63
CA VAL A 129 -15.44 15.47 7.04
C VAL A 129 -14.23 14.55 7.09
N THR A 130 -13.05 15.13 6.93
CA THR A 130 -11.81 14.38 6.87
C THR A 130 -10.98 14.42 8.14
N ARG A 131 -11.60 14.78 9.25
CA ARG A 131 -10.90 14.88 10.51
C ARG A 131 -10.43 13.52 11.01
N SER A 132 -11.36 12.57 11.06
CA SER A 132 -11.07 11.23 11.55
C SER A 132 -10.46 10.27 10.54
N ILE A 133 -10.12 10.76 9.35
CA ILE A 133 -9.56 9.85 8.36
C ILE A 133 -8.26 10.36 7.76
N THR A 134 -7.65 11.31 8.44
CA THR A 134 -6.37 11.85 7.98
C THR A 134 -5.46 12.00 9.19
N LYS A 135 -4.16 12.15 8.95
CA LYS A 135 -3.23 12.30 10.07
C LYS A 135 -3.46 13.66 10.72
N HIS A 136 -3.69 14.65 9.87
CA HIS A 136 -3.92 16.01 10.30
C HIS A 136 -4.40 16.80 9.09
N ASN A 137 -5.17 17.86 9.31
CA ASN A 137 -5.62 18.67 8.20
C ASN A 137 -5.52 20.16 8.54
N TYR A 138 -5.75 21.00 7.54
CA TYR A 138 -5.67 22.44 7.74
C TYR A 138 -6.69 23.19 6.90
N LEU A 139 -7.01 24.39 7.36
CA LEU A 139 -7.89 25.30 6.65
C LEU A 139 -7.13 26.61 6.61
N VAL A 140 -6.52 26.91 5.48
CA VAL A 140 -5.75 28.14 5.33
C VAL A 140 -6.70 29.32 5.50
N MET A 141 -6.38 30.21 6.41
CA MET A 141 -7.19 31.38 6.67
C MET A 141 -6.42 32.66 6.39
N ASP A 142 -5.16 32.52 5.98
CA ASP A 142 -4.34 33.67 5.67
C ASP A 142 -3.26 33.32 4.65
N VAL A 143 -3.25 34.05 3.54
CA VAL A 143 -2.30 33.83 2.47
C VAL A 143 -0.86 33.83 2.99
N GLU A 144 -0.64 34.44 4.15
CA GLU A 144 0.69 34.49 4.73
C GLU A 144 1.08 33.19 5.45
N ASP A 145 0.11 32.29 5.60
CA ASP A 145 0.36 31.02 6.27
C ASP A 145 0.62 29.88 5.28
N ILE A 146 0.44 30.17 4.00
CA ILE A 146 0.63 29.14 3.00
C ILE A 146 2.02 28.49 3.09
N PRO A 147 3.09 29.30 3.12
CA PRO A 147 4.43 28.68 3.22
C PRO A 147 4.56 27.73 4.41
N ARG A 148 4.24 28.23 5.60
CA ARG A 148 4.34 27.41 6.82
C ARG A 148 3.47 26.17 6.83
N ILE A 149 2.19 26.31 6.46
CA ILE A 149 1.30 25.15 6.45
C ILE A 149 1.73 24.07 5.45
N ILE A 150 2.18 24.47 4.27
CA ILE A 150 2.64 23.48 3.30
C ILE A 150 3.84 22.71 3.86
N GLU A 151 4.80 23.44 4.44
CA GLU A 151 5.98 22.78 5.01
C GLU A 151 5.61 21.86 6.16
N GLU A 152 4.62 22.26 6.94
CA GLU A 152 4.16 21.47 8.06
C GLU A 152 3.41 20.21 7.62
N ALA A 153 2.71 20.31 6.48
CA ALA A 153 1.95 19.19 5.97
C ALA A 153 2.90 18.11 5.46
N PHE A 154 3.88 18.52 4.66
CA PHE A 154 4.83 17.56 4.15
C PHE A 154 5.62 16.95 5.29
N PHE A 155 5.94 17.75 6.30
CA PHE A 155 6.67 17.23 7.44
C PHE A 155 5.84 16.13 8.12
N LEU A 156 4.63 16.48 8.56
CA LEU A 156 3.76 15.52 9.23
C LEU A 156 3.43 14.26 8.40
N ALA A 157 3.20 14.45 7.11
CA ALA A 157 2.87 13.35 6.21
C ALA A 157 3.97 12.32 6.04
N THR A 158 5.21 12.78 6.15
CA THR A 158 6.38 11.95 5.95
C THR A 158 7.17 11.56 7.19
N SER A 159 6.94 12.24 8.30
CA SER A 159 7.67 11.95 9.54
C SER A 159 6.90 10.98 10.41
N GLY A 160 7.52 10.56 11.51
CA GLY A 160 6.88 9.62 12.42
C GLY A 160 6.20 8.49 11.70
N ARG A 161 4.91 8.32 11.96
CA ARG A 161 4.12 7.30 11.29
C ARG A 161 3.47 8.02 10.10
N PRO A 162 4.02 7.84 8.89
CA PRO A 162 3.52 8.48 7.67
C PRO A 162 1.99 8.48 7.55
N GLY A 163 1.44 9.55 6.99
CA GLY A 163 -0.01 9.63 6.85
C GLY A 163 -0.51 10.72 5.92
N PRO A 164 -1.79 10.68 5.57
CA PRO A 164 -2.34 11.70 4.67
C PRO A 164 -2.60 13.02 5.42
N VAL A 165 -2.30 14.14 4.78
CA VAL A 165 -2.51 15.47 5.36
C VAL A 165 -3.23 16.35 4.32
N LEU A 166 -4.45 16.78 4.63
CA LEU A 166 -5.22 17.60 3.71
C LEU A 166 -5.14 19.10 4.02
N VAL A 167 -4.95 19.90 2.99
CA VAL A 167 -4.89 21.34 3.15
C VAL A 167 -6.00 22.04 2.37
N ASP A 168 -6.94 22.62 3.09
CA ASP A 168 -8.03 23.35 2.45
C ASP A 168 -7.58 24.80 2.23
N VAL A 169 -7.70 25.25 1.00
CA VAL A 169 -7.29 26.60 0.61
C VAL A 169 -8.41 27.38 -0.04
N PRO A 170 -9.03 28.33 0.70
CA PRO A 170 -10.14 29.14 0.16
C PRO A 170 -9.72 29.83 -1.12
N LYS A 171 -10.66 30.03 -2.03
CA LYS A 171 -10.40 30.65 -3.32
C LYS A 171 -9.84 32.05 -3.23
N ASP A 172 -10.46 32.89 -2.40
CA ASP A 172 -10.02 34.28 -2.26
C ASP A 172 -8.58 34.38 -1.77
N ILE A 173 -8.12 33.40 -1.00
CA ILE A 173 -6.74 33.41 -0.52
C ILE A 173 -5.79 33.10 -1.68
N GLN A 174 -6.25 32.23 -2.59
CA GLN A 174 -5.47 31.86 -3.76
C GLN A 174 -5.22 33.07 -4.66
N GLN A 175 -6.14 34.02 -4.61
CA GLN A 175 -6.03 35.22 -5.43
C GLN A 175 -5.24 36.34 -4.76
N GLN A 176 -5.40 36.46 -3.45
CA GLN A 176 -4.70 37.48 -2.67
C GLN A 176 -3.22 37.51 -3.00
N LEU A 177 -2.70 38.70 -3.28
CA LEU A 177 -1.28 38.87 -3.60
C LEU A 177 -0.48 39.00 -2.31
N ALA A 178 0.78 38.59 -2.33
CA ALA A 178 1.61 38.67 -1.14
C ALA A 178 3.06 38.28 -1.37
N ILE A 179 3.88 38.53 -0.37
CA ILE A 179 5.30 38.20 -0.44
C ILE A 179 5.57 37.15 0.62
N PRO A 180 5.77 35.90 0.16
CA PRO A 180 6.03 34.75 1.03
C PRO A 180 7.33 34.81 1.80
N ASN A 181 7.28 34.26 3.01
CA ASN A 181 8.44 34.20 3.89
C ASN A 181 8.76 32.71 4.03
N TRP A 182 9.82 32.26 3.37
CA TRP A 182 10.20 30.85 3.42
C TRP A 182 11.09 30.49 4.59
N GLU A 183 11.12 31.34 5.61
CA GLU A 183 11.95 31.10 6.79
C GLU A 183 11.14 30.89 8.06
N GLN A 184 9.82 31.02 7.95
CA GLN A 184 8.95 30.84 9.11
C GLN A 184 9.18 29.47 9.73
N ALA A 185 9.06 29.39 11.05
CA ALA A 185 9.25 28.13 11.75
C ALA A 185 7.93 27.38 11.84
N MET A 186 8.01 26.05 11.95
CA MET A 186 6.81 25.24 12.03
C MET A 186 6.26 25.29 13.45
N ARG A 187 4.93 25.26 13.57
CA ARG A 187 4.28 25.29 14.87
C ARG A 187 3.86 23.87 15.25
N LEU A 188 4.81 23.04 15.61
CA LEU A 188 4.49 21.67 15.99
C LEU A 188 5.17 21.29 17.30
N PRO A 189 5.01 22.11 18.34
CA PRO A 189 5.59 21.86 19.66
C PRO A 189 5.21 20.49 20.22
N GLY A 190 3.91 20.21 20.22
CA GLY A 190 3.44 18.94 20.74
C GLY A 190 3.98 17.72 20.01
N TYR A 191 3.87 17.75 18.67
CA TYR A 191 4.34 16.67 17.80
C TYR A 191 5.84 16.41 17.95
N MET A 192 6.64 17.46 17.89
CA MET A 192 8.08 17.34 18.02
C MET A 192 8.44 16.74 19.37
N SER A 193 7.66 17.04 20.39
CA SER A 193 7.92 16.52 21.72
C SER A 193 7.40 15.09 21.88
N ARG A 194 6.97 14.49 20.78
CA ARG A 194 6.48 13.12 20.82
C ARG A 194 7.25 12.25 19.83
N MET A 195 8.20 12.86 19.14
CA MET A 195 9.02 12.17 18.17
C MET A 195 10.02 11.25 18.87
N PRO A 196 9.89 9.92 18.69
CA PRO A 196 10.80 8.98 19.34
C PRO A 196 12.27 9.30 19.10
N LYS A 197 13.07 9.08 20.15
CA LYS A 197 14.51 9.33 20.10
C LYS A 197 15.23 8.03 19.77
N PRO A 198 16.45 8.12 19.24
CA PRO A 198 17.19 6.90 18.89
C PRO A 198 17.16 5.85 20.01
N PRO A 199 16.98 4.57 19.65
CA PRO A 199 16.93 3.46 20.60
C PRO A 199 18.12 3.42 21.55
N GLU A 200 17.85 3.06 22.80
CA GLU A 200 18.89 2.96 23.80
C GLU A 200 19.48 1.55 23.78
N ASP A 201 20.77 1.47 24.07
CA ASP A 201 21.47 0.19 24.07
C ASP A 201 20.93 -0.77 25.12
N SER A 202 20.52 -0.21 26.26
CA SER A 202 19.98 -1.02 27.36
C SER A 202 18.78 -1.82 26.89
N HIS A 203 17.97 -1.22 26.03
CA HIS A 203 16.78 -1.87 25.50
C HIS A 203 17.14 -2.83 24.37
N LEU A 204 18.10 -2.43 23.53
CA LEU A 204 18.51 -3.27 22.41
C LEU A 204 19.22 -4.53 22.86
N GLU A 205 20.10 -4.43 23.85
CA GLU A 205 20.81 -5.60 24.33
C GLU A 205 19.88 -6.51 25.12
N GLN A 206 18.81 -5.95 25.66
CA GLN A 206 17.84 -6.74 26.41
C GLN A 206 17.15 -7.69 25.43
N ILE A 207 17.03 -7.27 24.18
CA ILE A 207 16.40 -8.08 23.15
C ILE A 207 17.38 -9.17 22.74
N VAL A 208 18.59 -8.78 22.35
CA VAL A 208 19.62 -9.74 21.96
C VAL A 208 19.74 -10.85 23.00
N ARG A 209 19.56 -10.48 24.26
CA ARG A 209 19.62 -11.42 25.37
C ARG A 209 18.50 -12.43 25.22
N LEU A 210 17.29 -11.93 24.97
CA LEU A 210 16.11 -12.80 24.78
C LEU A 210 16.27 -13.74 23.59
N ILE A 211 17.04 -13.31 22.59
CA ILE A 211 17.26 -14.12 21.40
C ILE A 211 18.10 -15.33 21.79
N SER A 212 19.21 -15.10 22.47
CA SER A 212 20.11 -16.16 22.90
C SER A 212 19.43 -17.12 23.88
N GLU A 213 18.40 -16.64 24.57
CA GLU A 213 17.67 -17.45 25.53
C GLU A 213 16.53 -18.21 24.86
N SER A 214 16.25 -17.90 23.60
CA SER A 214 15.16 -18.55 22.87
C SER A 214 15.60 -19.76 22.05
N LYS A 215 14.65 -20.66 21.82
CA LYS A 215 14.91 -21.85 21.03
C LYS A 215 14.05 -21.83 19.77
N LYS A 216 12.96 -21.07 19.81
CA LYS A 216 12.03 -20.95 18.68
C LYS A 216 11.68 -19.50 18.39
N PRO A 217 12.66 -18.69 17.91
CA PRO A 217 12.46 -17.27 17.59
C PRO A 217 11.84 -17.07 16.21
N VAL A 218 10.84 -16.20 16.14
CA VAL A 218 10.18 -15.92 14.88
C VAL A 218 10.02 -14.43 14.60
N LEU A 219 10.48 -13.99 13.44
CA LEU A 219 10.39 -12.60 13.03
C LEU A 219 8.99 -12.33 12.44
N TYR A 220 8.34 -11.28 12.93
CA TYR A 220 7.00 -10.88 12.48
C TYR A 220 7.15 -9.47 11.90
N VAL A 221 7.58 -9.44 10.65
CA VAL A 221 7.85 -8.20 9.94
C VAL A 221 6.66 -7.59 9.21
N GLY A 222 6.51 -6.27 9.37
CA GLY A 222 5.43 -5.56 8.74
C GLY A 222 5.87 -4.39 7.90
N GLY A 223 4.92 -3.68 7.31
CA GLY A 223 5.27 -2.55 6.47
C GLY A 223 6.00 -1.42 7.17
N GLY A 224 6.33 -1.65 8.44
CA GLY A 224 7.07 -0.64 9.19
C GLY A 224 8.54 -0.78 8.89
N CYS A 225 8.91 -1.88 8.23
CA CYS A 225 10.30 -2.14 7.87
C CYS A 225 10.59 -1.89 6.41
N LEU A 226 9.64 -1.28 5.71
CA LEU A 226 9.86 -1.03 4.29
C LEU A 226 11.11 -0.23 3.96
N ASN A 227 11.68 0.45 4.95
CA ASN A 227 12.88 1.23 4.74
C ASN A 227 14.09 0.60 5.45
N SER A 228 13.90 -0.61 5.96
CA SER A 228 14.98 -1.29 6.67
C SER A 228 15.36 -2.59 6.00
N SER A 229 15.09 -2.67 4.70
CA SER A 229 15.39 -3.85 3.91
C SER A 229 16.79 -4.42 4.21
N ASP A 230 17.81 -3.55 4.19
CA ASP A 230 19.18 -3.99 4.46
C ASP A 230 19.38 -4.43 5.91
N GLU A 231 19.10 -3.51 6.84
CA GLU A 231 19.24 -3.78 8.27
C GLU A 231 18.54 -5.08 8.65
N LEU A 232 17.34 -5.28 8.12
CA LEU A 232 16.56 -6.49 8.40
C LEU A 232 17.27 -7.71 7.84
N GLY A 233 17.84 -7.57 6.65
CA GLY A 233 18.54 -8.67 6.03
C GLY A 233 19.77 -9.06 6.81
N ARG A 234 20.57 -8.06 7.18
CA ARG A 234 21.78 -8.28 7.96
C ARG A 234 21.44 -9.00 9.27
N PHE A 235 20.32 -8.60 9.86
CA PHE A 235 19.85 -9.17 11.12
C PHE A 235 19.62 -10.67 11.00
N VAL A 236 18.93 -11.08 9.94
CA VAL A 236 18.62 -12.47 9.71
C VAL A 236 19.90 -13.29 9.46
N GLU A 237 20.82 -12.74 8.69
CA GLU A 237 22.06 -13.43 8.41
C GLU A 237 22.99 -13.39 9.61
N LEU A 238 22.45 -13.03 10.78
CA LEU A 238 23.22 -12.97 12.00
C LEU A 238 22.52 -13.74 13.11
N THR A 239 21.26 -14.11 12.89
CA THR A 239 20.50 -14.85 13.89
C THR A 239 19.89 -16.11 13.31
N GLY A 240 19.75 -16.14 11.99
CA GLY A 240 19.16 -17.30 11.34
C GLY A 240 17.75 -17.53 11.81
N ILE A 241 17.03 -16.43 12.07
CA ILE A 241 15.65 -16.52 12.54
C ILE A 241 14.65 -16.49 11.38
N PRO A 242 13.71 -17.45 11.35
CA PRO A 242 12.72 -17.51 10.29
C PRO A 242 11.85 -16.23 10.28
N VAL A 243 11.69 -15.68 9.08
CA VAL A 243 10.93 -14.44 8.86
C VAL A 243 9.53 -14.65 8.26
N ALA A 244 8.50 -14.12 8.93
CA ALA A 244 7.13 -14.19 8.44
C ALA A 244 6.63 -12.73 8.36
N SER A 245 6.04 -12.33 7.24
CA SER A 245 5.57 -10.95 7.12
C SER A 245 4.07 -10.78 6.94
N THR A 246 3.60 -9.55 7.16
CA THR A 246 2.19 -9.21 6.96
C THR A 246 2.06 -8.91 5.46
N LEU A 247 0.83 -8.71 5.02
CA LEU A 247 0.59 -8.41 3.63
C LEU A 247 1.29 -7.11 3.29
N MET A 248 1.36 -6.22 4.28
CA MET A 248 1.97 -4.92 4.14
C MET A 248 3.49 -4.97 4.16
N GLY A 249 4.04 -6.04 4.73
CA GLY A 249 5.48 -6.17 4.83
C GLY A 249 6.17 -6.93 3.71
N LEU A 250 5.39 -7.42 2.76
CA LEU A 250 5.95 -8.18 1.64
C LEU A 250 7.09 -7.41 1.02
N GLY A 251 8.17 -8.12 0.69
CA GLY A 251 9.31 -7.48 0.07
C GLY A 251 10.43 -7.11 1.05
N SER A 252 10.08 -6.74 2.28
CA SER A 252 11.07 -6.37 3.27
C SER A 252 12.19 -7.41 3.29
N TYR A 253 11.79 -8.67 3.32
CA TYR A 253 12.72 -9.79 3.30
C TYR A 253 12.32 -10.63 2.09
N PRO A 254 13.23 -10.80 1.11
CA PRO A 254 12.97 -11.58 -0.10
C PRO A 254 12.20 -12.88 0.15
N CSD A 255 11.01 -12.99 -0.46
CA CSD A 255 10.15 -14.16 -0.30
CB CSD A 255 8.80 -13.94 -1.01
SG CSD A 255 7.71 -12.80 -0.11
C CSD A 255 10.76 -15.45 -0.81
O CSD A 255 10.37 -16.54 -0.37
OD1 CSD A 255 7.30 -13.16 1.19
OD2 CSD A 255 7.30 -11.59 -0.72
N ASP A 256 11.71 -15.33 -1.72
CA ASP A 256 12.37 -16.51 -2.29
C ASP A 256 13.57 -16.98 -1.47
N ASP A 257 13.66 -16.56 -0.21
CA ASP A 257 14.78 -16.98 0.64
C ASP A 257 14.50 -18.26 1.40
N GLU A 258 15.57 -18.84 1.92
CA GLU A 258 15.47 -20.09 2.66
C GLU A 258 14.86 -19.88 4.03
N LEU A 259 15.15 -18.72 4.63
CA LEU A 259 14.64 -18.40 5.95
C LEU A 259 13.25 -17.77 5.92
N SER A 260 12.72 -17.60 4.72
CA SER A 260 11.40 -16.98 4.53
C SER A 260 10.19 -17.89 4.80
N LEU A 261 9.33 -17.47 5.71
CA LEU A 261 8.12 -18.22 6.04
C LEU A 261 6.95 -17.68 5.21
N HIS A 262 7.23 -16.64 4.41
CA HIS A 262 6.23 -15.98 3.57
C HIS A 262 5.19 -15.23 4.41
N MET A 263 4.06 -14.86 3.81
CA MET A 263 3.05 -14.10 4.53
C MET A 263 2.25 -14.93 5.52
N LEU A 264 2.05 -14.37 6.72
CA LEU A 264 1.29 -15.04 7.76
C LEU A 264 -0.06 -14.35 7.92
N GLY A 265 -0.99 -15.00 8.59
CA GLY A 265 -2.30 -14.42 8.81
C GLY A 265 -3.45 -15.24 8.27
N MET A 266 -4.62 -14.61 8.21
CA MET A 266 -5.84 -15.24 7.72
C MET A 266 -5.60 -16.06 6.46
N HIS A 267 -4.79 -15.54 5.55
CA HIS A 267 -4.49 -16.21 4.29
C HIS A 267 -3.01 -16.46 4.14
N GLY A 268 -2.31 -16.45 5.28
CA GLY A 268 -0.89 -16.72 5.25
C GLY A 268 -0.65 -18.21 5.09
N THR A 269 0.62 -18.59 4.94
CA THR A 269 0.97 -20.00 4.78
C THR A 269 0.69 -20.73 6.09
N VAL A 270 0.49 -22.04 6.01
CA VAL A 270 0.22 -22.83 7.19
C VAL A 270 1.44 -22.86 8.10
N TYR A 271 2.62 -22.92 7.50
CA TYR A 271 3.86 -22.94 8.27
C TYR A 271 4.19 -21.59 8.90
N ALA A 272 3.76 -20.50 8.27
CA ALA A 272 4.01 -19.18 8.83
C ALA A 272 3.21 -19.02 10.12
N ASN A 273 1.95 -19.45 10.12
CA ASN A 273 1.13 -19.35 11.31
C ASN A 273 1.56 -20.38 12.35
N TYR A 274 2.10 -21.49 11.86
CA TYR A 274 2.59 -22.54 12.74
C TYR A 274 3.74 -21.98 13.55
N ALA A 275 4.74 -21.44 12.85
CA ALA A 275 5.93 -20.88 13.49
C ALA A 275 5.56 -19.90 14.59
N VAL A 276 4.55 -19.06 14.35
CA VAL A 276 4.13 -18.09 15.33
C VAL A 276 3.33 -18.74 16.46
N GLU A 277 2.54 -19.74 16.11
CA GLU A 277 1.72 -20.47 17.07
C GLU A 277 2.55 -21.26 18.09
N HIS A 278 3.78 -21.61 17.70
CA HIS A 278 4.65 -22.39 18.57
C HIS A 278 5.96 -21.72 18.92
N SER A 279 6.11 -20.44 18.58
CA SER A 279 7.36 -19.75 18.88
C SER A 279 7.36 -19.34 20.34
N ASP A 280 8.55 -19.22 20.91
CA ASP A 280 8.69 -18.79 22.29
C ASP A 280 9.11 -17.32 22.31
N LEU A 281 9.50 -16.81 21.16
CA LEU A 281 9.92 -15.41 21.03
C LEU A 281 9.45 -14.78 19.72
N LEU A 282 8.59 -13.78 19.82
CA LEU A 282 8.07 -13.09 18.64
C LEU A 282 8.70 -11.71 18.49
N LEU A 283 9.47 -11.51 17.42
CA LEU A 283 10.10 -10.22 17.17
C LEU A 283 9.22 -9.40 16.23
N ALA A 284 8.18 -8.77 16.78
CA ALA A 284 7.25 -7.97 16.00
C ALA A 284 7.81 -6.61 15.61
N PHE A 285 8.37 -6.51 14.40
CA PHE A 285 8.95 -5.26 13.91
C PHE A 285 8.15 -4.55 12.81
N GLY A 286 7.68 -3.35 13.11
CA GLY A 286 6.93 -2.58 12.13
C GLY A 286 5.55 -3.15 11.84
N VAL A 287 4.94 -3.78 12.83
CA VAL A 287 3.62 -4.36 12.69
C VAL A 287 2.65 -3.79 13.70
N ARG A 288 1.35 -3.94 13.43
CA ARG A 288 0.35 -3.41 14.34
C ARG A 288 -0.67 -4.43 14.82
N PHE A 289 -0.29 -5.70 14.80
CA PHE A 289 -1.16 -6.79 15.24
C PHE A 289 -2.61 -6.66 14.80
N ASP A 290 -2.83 -6.66 13.49
CA ASP A 290 -4.19 -6.56 12.93
C ASP A 290 -4.95 -7.86 13.19
N ASP A 291 -6.26 -7.81 13.04
CA ASP A 291 -7.12 -8.98 13.27
C ASP A 291 -6.88 -10.11 12.29
N ARG A 292 -6.76 -9.76 11.02
CA ARG A 292 -6.53 -10.75 9.96
C ARG A 292 -5.13 -11.34 10.04
N VAL A 293 -4.45 -11.12 11.17
CA VAL A 293 -3.10 -11.66 11.35
C VAL A 293 -3.02 -12.46 12.65
N THR A 294 -3.83 -12.08 13.62
CA THR A 294 -3.84 -12.76 14.93
C THR A 294 -5.10 -13.58 15.18
N GLY A 295 -6.25 -13.04 14.79
CA GLY A 295 -7.49 -13.74 15.03
C GLY A 295 -7.77 -13.60 16.52
N LYS A 296 -7.85 -14.71 17.24
CA LYS A 296 -8.10 -14.63 18.67
C LYS A 296 -6.77 -14.24 19.33
N LEU A 297 -6.71 -13.01 19.80
CA LEU A 297 -5.52 -12.47 20.45
C LEU A 297 -4.96 -13.30 21.61
N GLU A 298 -5.84 -14.04 22.28
CA GLU A 298 -5.42 -14.86 23.41
C GLU A 298 -4.68 -16.11 22.94
N ALA A 299 -4.91 -16.47 21.69
CA ALA A 299 -4.29 -17.66 21.11
C ALA A 299 -3.12 -17.30 20.22
N PHE A 300 -2.87 -16.00 20.05
CA PHE A 300 -1.78 -15.55 19.20
C PHE A 300 -0.45 -15.53 19.95
N ALA A 301 0.47 -16.40 19.54
CA ALA A 301 1.79 -16.50 20.16
C ALA A 301 1.67 -16.68 21.66
N SER A 302 0.55 -17.26 22.10
CA SER A 302 0.28 -17.51 23.52
C SER A 302 1.42 -18.18 24.25
N ARG A 303 2.34 -18.80 23.50
CA ARG A 303 3.48 -19.48 24.10
C ARG A 303 4.80 -18.82 23.72
N ALA A 304 4.87 -17.49 23.80
CA ALA A 304 6.09 -16.80 23.45
C ALA A 304 6.23 -15.38 24.00
N LYS A 305 7.48 -14.98 24.20
CA LYS A 305 7.80 -13.65 24.70
C LYS A 305 7.76 -12.72 23.50
N ILE A 306 6.92 -11.69 23.58
CA ILE A 306 6.78 -10.74 22.49
C ILE A 306 7.57 -9.44 22.61
N VAL A 307 8.46 -9.22 21.65
CA VAL A 307 9.26 -8.01 21.60
C VAL A 307 8.63 -7.17 20.49
N HIS A 308 8.07 -6.03 20.84
CA HIS A 308 7.41 -5.18 19.86
C HIS A 308 8.10 -3.82 19.67
N ILE A 309 8.69 -3.63 18.50
CA ILE A 309 9.36 -2.37 18.18
C ILE A 309 8.47 -1.57 17.23
N ASP A 310 8.06 -0.37 17.65
CA ASP A 310 7.19 0.48 16.83
C ASP A 310 7.49 1.97 17.01
N ILE A 311 7.29 2.74 15.94
CA ILE A 311 7.55 4.17 15.96
C ILE A 311 6.39 4.92 16.61
N ASP A 312 5.25 4.23 16.72
CA ASP A 312 4.05 4.81 17.32
C ASP A 312 3.78 4.18 18.68
N SER A 313 3.96 4.97 19.74
CA SER A 313 3.74 4.51 21.11
C SER A 313 2.34 3.92 21.30
N ALA A 314 1.34 4.61 20.77
CA ALA A 314 -0.05 4.17 20.90
C ALA A 314 -0.22 2.73 20.44
N GLU A 315 0.54 2.34 19.42
CA GLU A 315 0.46 0.99 18.88
C GLU A 315 1.03 -0.04 19.84
N ILE A 316 2.09 0.32 20.54
CA ILE A 316 2.70 -0.62 21.46
C ILE A 316 1.80 -0.95 22.64
N GLY A 317 1.47 -2.24 22.74
CA GLY A 317 0.62 -2.71 23.81
C GLY A 317 -0.87 -2.61 23.55
N LYS A 318 -1.24 -1.96 22.45
CA LYS A 318 -2.65 -1.78 22.09
C LYS A 318 -3.46 -3.08 22.02
N ASN A 319 -3.01 -4.02 21.19
CA ASN A 319 -3.71 -5.30 21.01
C ASN A 319 -3.08 -6.47 21.75
N LYS A 320 -1.75 -6.53 21.74
CA LYS A 320 -1.06 -7.61 22.42
C LYS A 320 0.01 -7.02 23.32
N THR A 321 -0.12 -7.23 24.62
CA THR A 321 0.84 -6.71 25.59
C THR A 321 2.19 -7.39 25.44
N PRO A 322 3.23 -6.62 25.07
CA PRO A 322 4.59 -7.14 24.88
C PRO A 322 5.31 -7.41 26.19
N HIS A 323 6.39 -8.20 26.11
CA HIS A 323 7.20 -8.50 27.27
C HIS A 323 8.22 -7.37 27.30
N VAL A 324 8.74 -7.06 26.12
CA VAL A 324 9.72 -6.00 25.91
C VAL A 324 9.24 -5.16 24.73
N SER A 325 9.31 -3.84 24.87
CA SER A 325 8.88 -2.96 23.81
C SER A 325 9.90 -1.86 23.56
N VAL A 326 9.89 -1.31 22.36
CA VAL A 326 10.82 -0.24 22.02
C VAL A 326 10.09 0.75 21.12
N CYS A 327 9.88 1.96 21.61
CA CYS A 327 9.22 2.96 20.82
C CYS A 327 10.29 3.72 20.08
N GLY A 328 10.42 3.46 18.78
CA GLY A 328 11.41 4.13 17.98
C GLY A 328 11.47 3.60 16.56
N ASP A 329 12.40 4.14 15.77
CA ASP A 329 12.58 3.71 14.40
C ASP A 329 13.15 2.30 14.34
N VAL A 330 12.45 1.39 13.68
CA VAL A 330 12.88 0.00 13.57
C VAL A 330 14.24 -0.12 12.86
N LYS A 331 14.54 0.80 11.95
CA LYS A 331 15.81 0.76 11.24
C LYS A 331 16.97 0.98 12.22
N LEU A 332 16.82 1.97 13.10
CA LEU A 332 17.86 2.26 14.08
C LEU A 332 18.01 1.06 15.01
N ALA A 333 16.90 0.54 15.49
CA ALA A 333 16.93 -0.62 16.38
C ALA A 333 17.72 -1.74 15.70
N LEU A 334 17.39 -2.01 14.45
CA LEU A 334 18.08 -3.07 13.71
C LEU A 334 19.59 -2.85 13.62
N GLN A 335 20.02 -1.66 13.22
CA GLN A 335 21.46 -1.38 13.12
C GLN A 335 22.11 -1.61 14.48
N GLY A 336 21.45 -1.15 15.53
CA GLY A 336 21.97 -1.32 16.88
C GLY A 336 22.14 -2.79 17.22
N MET A 337 21.04 -3.52 17.27
CA MET A 337 21.09 -4.93 17.60
C MET A 337 22.07 -5.68 16.70
N ASN A 338 22.30 -5.16 15.50
CA ASN A 338 23.22 -5.82 14.61
C ASN A 338 24.64 -5.73 15.13
N LYS A 339 25.03 -4.57 15.63
CA LYS A 339 26.37 -4.40 16.16
C LYS A 339 26.63 -5.35 17.33
N VAL A 340 25.68 -5.44 18.25
CA VAL A 340 25.81 -6.33 19.39
C VAL A 340 25.97 -7.79 18.94
N LEU A 341 25.14 -8.19 17.98
CA LEU A 341 25.19 -9.55 17.46
C LEU A 341 26.47 -9.79 16.67
N GLU A 342 27.12 -8.69 16.28
CA GLU A 342 28.34 -8.80 15.51
C GLU A 342 29.56 -8.92 16.40
N ASN A 343 29.58 -8.16 17.49
CA ASN A 343 30.70 -8.21 18.43
C ASN A 343 30.59 -9.44 19.31
N ARG A 344 29.50 -9.48 20.08
CA ARG A 344 29.25 -10.60 20.99
C ARG A 344 28.85 -11.85 20.21
N ALA A 345 29.25 -11.91 18.94
CA ALA A 345 28.94 -13.04 18.08
C ALA A 345 29.36 -14.37 18.69
N GLU A 346 30.66 -14.62 18.72
CA GLU A 346 31.22 -15.85 19.27
C GLU A 346 30.67 -16.16 20.65
N GLU A 347 30.59 -15.13 21.48
CA GLU A 347 30.08 -15.29 22.84
C GLU A 347 28.67 -15.88 22.83
N LEU A 348 27.83 -15.37 21.93
CA LEU A 348 26.46 -15.83 21.83
C LEU A 348 26.36 -17.21 21.16
N LYS A 349 26.94 -17.32 19.97
CA LYS A 349 26.91 -18.58 19.22
C LYS A 349 25.45 -19.03 19.07
N LEU A 350 24.69 -18.25 18.30
CA LEU A 350 23.28 -18.54 18.09
C LEU A 350 23.08 -19.65 17.08
N ASP A 351 22.19 -20.59 17.42
CA ASP A 351 21.89 -21.71 16.55
C ASP A 351 20.42 -22.06 16.66
N PHE A 352 19.70 -21.93 15.55
CA PHE A 352 18.26 -22.24 15.53
C PHE A 352 17.95 -23.29 14.47
N GLY A 353 18.96 -24.08 14.10
CA GLY A 353 18.77 -25.11 13.11
C GLY A 353 17.67 -26.09 13.48
N VAL A 354 17.56 -26.39 14.77
CA VAL A 354 16.54 -27.33 15.25
C VAL A 354 15.15 -26.78 14.97
N TRP A 355 14.98 -25.49 15.26
CA TRP A 355 13.71 -24.80 15.06
C TRP A 355 13.40 -24.74 13.58
N ARG A 356 14.37 -24.27 12.81
CA ARG A 356 14.23 -24.16 11.37
C ARG A 356 13.80 -25.47 10.72
N ASN A 357 14.27 -26.59 11.27
CA ASN A 357 13.91 -27.89 10.73
C ASN A 357 12.49 -28.25 11.12
N GLU A 358 12.13 -27.96 12.37
CA GLU A 358 10.80 -28.25 12.84
C GLU A 358 9.79 -27.57 11.94
N LEU A 359 10.15 -26.37 11.48
CA LEU A 359 9.32 -25.58 10.60
C LEU A 359 9.44 -26.09 9.16
N ASN A 360 10.66 -26.38 8.74
CA ASN A 360 10.89 -26.86 7.38
C ASN A 360 10.09 -28.11 7.09
N VAL A 361 9.62 -28.76 8.14
CA VAL A 361 8.80 -29.96 8.01
C VAL A 361 7.38 -29.53 7.64
N GLN A 362 6.85 -28.57 8.38
CA GLN A 362 5.52 -28.04 8.14
C GLN A 362 5.48 -27.35 6.78
N LYS A 363 6.59 -26.69 6.44
CA LYS A 363 6.69 -25.98 5.18
C LYS A 363 6.58 -26.93 3.99
N GLN A 364 6.98 -28.18 4.20
CA GLN A 364 6.92 -29.17 3.13
C GLN A 364 5.66 -30.02 3.26
N LYS A 365 5.10 -30.06 4.45
CA LYS A 365 3.89 -30.84 4.71
C LYS A 365 2.65 -30.04 4.30
N PHE A 366 2.77 -28.71 4.30
CA PHE A 366 1.65 -27.83 3.92
C PHE A 366 2.11 -26.65 3.09
N PRO A 367 2.66 -26.90 1.90
CA PRO A 367 3.13 -25.82 1.04
C PRO A 367 1.97 -25.17 0.30
N LEU A 368 2.21 -23.98 -0.26
CA LEU A 368 1.18 -23.28 -1.02
C LEU A 368 0.88 -24.14 -2.24
N SER A 369 -0.40 -24.39 -2.48
CA SER A 369 -0.77 -25.22 -3.61
C SER A 369 -1.98 -24.67 -4.35
N PHE A 370 -2.20 -25.19 -5.54
CA PHE A 370 -3.33 -24.79 -6.36
C PHE A 370 -3.60 -25.95 -7.30
N LYS A 371 -4.87 -26.12 -7.65
CA LYS A 371 -5.24 -27.21 -8.54
C LYS A 371 -5.47 -26.70 -9.95
N THR A 372 -5.17 -27.56 -10.91
CA THR A 372 -5.34 -27.23 -12.32
C THR A 372 -6.44 -28.15 -12.87
N PHE A 373 -7.43 -27.56 -13.56
CA PHE A 373 -8.53 -28.36 -14.11
C PHE A 373 -8.53 -28.28 -15.62
N GLY A 374 -8.43 -29.43 -16.26
CA GLY A 374 -8.41 -29.46 -17.71
C GLY A 374 -7.45 -28.42 -18.26
N GLU A 375 -7.93 -27.64 -19.22
CA GLU A 375 -7.11 -26.60 -19.83
C GLU A 375 -7.37 -25.21 -19.28
N ALA A 376 -8.23 -25.12 -18.27
CA ALA A 376 -8.56 -23.86 -17.64
C ALA A 376 -7.31 -23.23 -17.04
N ILE A 377 -7.29 -21.90 -16.98
CA ILE A 377 -6.13 -21.21 -16.42
C ILE A 377 -6.27 -21.01 -14.92
N PRO A 378 -5.29 -21.48 -14.15
CA PRO A 378 -5.36 -21.31 -12.69
C PRO A 378 -4.78 -19.92 -12.36
N PRO A 379 -5.58 -19.03 -11.77
CA PRO A 379 -5.05 -17.70 -11.45
C PRO A 379 -3.65 -17.74 -10.77
N GLN A 380 -3.45 -18.67 -9.86
CA GLN A 380 -2.17 -18.78 -9.17
C GLN A 380 -1.07 -19.00 -10.19
N TYR A 381 -1.26 -20.00 -11.06
CA TYR A 381 -0.27 -20.33 -12.08
C TYR A 381 0.08 -19.11 -12.91
N ALA A 382 -0.94 -18.38 -13.35
CA ALA A 382 -0.75 -17.17 -14.15
C ALA A 382 0.23 -16.22 -13.47
N ILE A 383 -0.03 -15.95 -12.19
CA ILE A 383 0.84 -15.07 -11.42
C ILE A 383 2.27 -15.62 -11.40
N LYS A 384 2.42 -16.91 -11.10
CA LYS A 384 3.74 -17.55 -11.09
C LYS A 384 4.45 -17.37 -12.42
N VAL A 385 3.72 -17.54 -13.51
CA VAL A 385 4.29 -17.37 -14.84
C VAL A 385 4.76 -15.93 -15.02
N LEU A 386 4.08 -15.00 -14.36
CA LEU A 386 4.44 -13.60 -14.45
C LEU A 386 5.71 -13.33 -13.64
N ASP A 387 5.76 -13.89 -12.44
CA ASP A 387 6.93 -13.72 -11.59
C ASP A 387 8.14 -14.18 -12.39
N GLU A 388 7.96 -15.32 -13.06
CA GLU A 388 8.99 -15.93 -13.90
C GLU A 388 9.45 -15.02 -15.03
N LEU A 389 8.53 -14.65 -15.91
CA LEU A 389 8.85 -13.80 -17.05
C LEU A 389 9.38 -12.41 -16.71
N THR A 390 9.03 -11.89 -15.54
CA THR A 390 9.50 -10.57 -15.14
C THR A 390 10.70 -10.69 -14.21
N ASP A 391 11.07 -11.93 -13.93
CA ASP A 391 12.22 -12.23 -13.07
C ASP A 391 12.06 -11.60 -11.69
N GLY A 392 10.82 -11.54 -11.22
CA GLY A 392 10.53 -10.96 -9.92
C GLY A 392 10.96 -9.52 -9.76
N LYS A 393 11.10 -8.78 -10.86
CA LYS A 393 11.52 -7.38 -10.79
C LYS A 393 10.39 -6.40 -11.06
N ALA A 394 9.18 -6.90 -11.27
CA ALA A 394 8.05 -6.03 -11.58
C ALA A 394 7.34 -5.44 -10.38
N ILE A 395 6.93 -4.19 -10.51
CA ILE A 395 6.18 -3.53 -9.45
C ILE A 395 4.72 -3.94 -9.63
N ILE A 396 4.16 -4.59 -8.62
CA ILE A 396 2.79 -5.05 -8.66
C ILE A 396 1.81 -4.15 -7.88
N SER A 397 0.72 -3.76 -8.53
CA SER A 397 -0.33 -2.99 -7.86
C SER A 397 -1.51 -3.96 -7.92
N THR A 398 -2.41 -3.87 -6.96
CA THR A 398 -3.51 -4.83 -6.90
C THR A 398 -4.85 -4.27 -6.51
N GLY A 399 -5.90 -5.04 -6.82
CA GLY A 399 -7.22 -4.63 -6.44
C GLY A 399 -7.45 -5.29 -5.10
N VAL A 400 -8.69 -5.66 -4.81
CA VAL A 400 -8.98 -6.31 -3.55
C VAL A 400 -9.88 -7.51 -3.81
N GLY A 401 -9.51 -8.63 -3.20
CA GLY A 401 -10.26 -9.86 -3.36
C GLY A 401 -9.34 -11.06 -3.48
N GLN A 402 -9.86 -12.15 -4.04
CA GLN A 402 -9.08 -13.37 -4.21
C GLN A 402 -7.80 -13.08 -4.99
N HIS A 403 -7.97 -12.50 -6.17
CA HIS A 403 -6.85 -12.15 -7.04
C HIS A 403 -5.80 -11.38 -6.27
N GLN A 404 -6.23 -10.65 -5.25
CA GLN A 404 -5.31 -9.87 -4.43
C GLN A 404 -4.46 -10.79 -3.58
N MET A 405 -5.10 -11.78 -2.94
CA MET A 405 -4.35 -12.71 -2.10
C MET A 405 -3.39 -13.57 -2.92
N TRP A 406 -3.80 -13.93 -4.14
CA TRP A 406 -2.93 -14.74 -4.96
C TRP A 406 -1.71 -13.95 -5.38
N ALA A 407 -1.90 -12.70 -5.82
CA ALA A 407 -0.78 -11.87 -6.21
C ALA A 407 0.19 -11.76 -5.02
N ALA A 408 -0.35 -11.80 -3.82
CA ALA A 408 0.48 -11.72 -2.63
C ALA A 408 1.20 -13.06 -2.35
N GLN A 409 0.52 -14.17 -2.59
CA GLN A 409 1.10 -15.50 -2.34
C GLN A 409 2.04 -16.08 -3.40
N PHE A 410 1.70 -15.93 -4.68
CA PHE A 410 2.50 -16.51 -5.75
C PHE A 410 3.46 -15.65 -6.53
N TYR A 411 3.94 -14.58 -5.90
CA TYR A 411 4.92 -13.70 -6.53
C TYR A 411 5.95 -13.46 -5.45
N ASN A 412 7.22 -13.46 -5.83
CA ASN A 412 8.28 -13.24 -4.87
C ASN A 412 8.89 -11.88 -5.09
N TYR A 413 8.53 -10.96 -4.21
CA TYR A 413 9.02 -9.61 -4.28
C TYR A 413 10.44 -9.55 -3.70
N LYS A 414 11.31 -8.89 -4.44
CA LYS A 414 12.72 -8.78 -4.05
C LYS A 414 12.92 -7.68 -3.00
N LYS A 415 12.19 -6.58 -3.14
CA LYS A 415 12.31 -5.44 -2.24
C LYS A 415 10.95 -4.81 -1.93
N PRO A 416 10.89 -3.92 -0.93
CA PRO A 416 9.60 -3.28 -0.61
C PRO A 416 9.34 -2.28 -1.75
N ARG A 417 8.26 -1.51 -1.66
CA ARG A 417 7.94 -0.53 -2.72
C ARG A 417 7.71 -1.23 -4.05
N GLN A 418 7.65 -2.56 -4.01
CA GLN A 418 7.42 -3.35 -5.22
C GLN A 418 6.01 -3.93 -5.18
N TRP A 419 5.45 -3.97 -3.98
CA TRP A 419 4.11 -4.48 -3.75
C TRP A 419 3.27 -3.34 -3.23
N LEU A 420 2.32 -2.91 -4.06
CA LEU A 420 1.42 -1.81 -3.72
C LEU A 420 -0.01 -2.32 -3.64
N SER A 421 -0.47 -2.60 -2.43
CA SER A 421 -1.83 -3.08 -2.22
C SER A 421 -2.53 -2.40 -1.04
N SER A 422 -3.84 -2.23 -1.18
CA SER A 422 -4.70 -1.62 -0.16
C SER A 422 -5.00 -2.72 0.86
N GLY A 423 -4.38 -2.65 2.04
CA GLY A 423 -4.55 -3.68 3.06
C GLY A 423 -5.38 -3.35 4.28
N GLY A 424 -5.26 -2.13 4.78
CA GLY A 424 -6.02 -1.73 5.97
C GLY A 424 -7.48 -1.43 5.74
N LEU A 425 -7.79 -0.70 4.66
CA LEU A 425 -9.15 -0.34 4.30
C LEU A 425 -9.62 -1.32 3.24
N GLY A 426 -8.68 -1.85 2.46
CA GLY A 426 -9.03 -2.79 1.40
C GLY A 426 -10.01 -2.19 0.40
N ALA A 427 -9.64 -1.06 -0.18
CA ALA A 427 -10.47 -0.37 -1.15
C ALA A 427 -10.36 -0.91 -2.57
N MET A 428 -11.47 -1.37 -3.12
CA MET A 428 -11.48 -1.85 -4.49
C MET A 428 -11.29 -0.68 -5.45
N GLY A 429 -10.75 -0.99 -6.62
CA GLY A 429 -10.53 0.03 -7.63
C GLY A 429 -9.24 0.76 -7.39
N PHE A 430 -8.49 0.26 -6.43
CA PHE A 430 -7.18 0.83 -6.08
C PHE A 430 -6.14 0.56 -7.17
N GLY A 431 -6.06 -0.70 -7.59
CA GLY A 431 -5.14 -1.21 -8.60
C GLY A 431 -4.71 -0.40 -9.81
N LEU A 432 -5.59 -0.21 -10.78
CA LEU A 432 -5.24 0.53 -11.98
C LEU A 432 -4.62 1.91 -11.69
N PRO A 433 -5.32 2.75 -10.89
CA PRO A 433 -4.83 4.09 -10.53
C PRO A 433 -3.45 4.02 -9.89
N ALA A 434 -3.30 3.09 -8.94
CA ALA A 434 -2.05 2.90 -8.23
C ALA A 434 -0.91 2.59 -9.19
N ALA A 435 -1.20 1.82 -10.23
CA ALA A 435 -0.21 1.47 -11.23
C ALA A 435 0.20 2.73 -11.99
N ILE A 436 -0.74 3.65 -12.18
CA ILE A 436 -0.44 4.90 -12.87
C ILE A 436 0.57 5.64 -12.02
N GLY A 437 0.30 5.70 -10.71
CA GLY A 437 1.18 6.39 -9.80
C GLY A 437 2.57 5.79 -9.76
N ALA A 438 2.62 4.46 -9.83
CA ALA A 438 3.87 3.74 -9.82
C ALA A 438 4.65 4.01 -11.11
N SER A 439 3.97 3.93 -12.25
CA SER A 439 4.63 4.16 -13.51
C SER A 439 5.23 5.55 -13.63
N VAL A 440 4.55 6.59 -13.13
CA VAL A 440 5.12 7.94 -13.20
C VAL A 440 6.33 8.04 -12.26
N ALA A 441 6.22 7.43 -11.09
CA ALA A 441 7.29 7.47 -10.10
C ALA A 441 8.47 6.59 -10.52
N ASN A 442 8.22 5.62 -11.41
CA ASN A 442 9.26 4.72 -11.89
C ASN A 442 9.09 4.50 -13.39
N PRO A 443 9.48 5.50 -14.19
CA PRO A 443 9.41 5.52 -15.65
C PRO A 443 10.00 4.28 -16.32
N ASP A 444 11.21 3.93 -15.93
CA ASP A 444 11.91 2.79 -16.51
C ASP A 444 11.69 1.48 -15.76
N ALA A 445 10.45 1.22 -15.35
CA ALA A 445 10.18 -0.01 -14.64
C ALA A 445 8.94 -0.72 -15.15
N ILE A 446 8.92 -2.04 -14.95
CA ILE A 446 7.77 -2.85 -15.35
C ILE A 446 6.71 -2.67 -14.27
N VAL A 447 5.59 -2.06 -14.64
CA VAL A 447 4.49 -1.83 -13.71
C VAL A 447 3.34 -2.71 -14.19
N VAL A 448 2.84 -3.56 -13.30
CA VAL A 448 1.75 -4.47 -13.64
C VAL A 448 0.62 -4.44 -12.60
N ASP A 449 -0.58 -4.08 -13.05
CA ASP A 449 -1.72 -4.08 -12.16
C ASP A 449 -2.43 -5.43 -12.31
N ILE A 450 -2.48 -6.19 -11.22
CA ILE A 450 -3.14 -7.49 -11.20
C ILE A 450 -4.50 -7.20 -10.57
N ASP A 451 -5.52 -7.04 -11.42
CA ASP A 451 -6.88 -6.71 -10.98
C ASP A 451 -7.92 -7.82 -11.05
N GLY A 452 -9.05 -7.55 -10.42
CA GLY A 452 -10.18 -8.46 -10.45
C GLY A 452 -11.19 -7.76 -11.36
N ASP A 453 -12.09 -8.52 -11.99
CA ASP A 453 -13.07 -7.89 -12.88
C ASP A 453 -13.95 -6.89 -12.11
N GLY A 454 -14.10 -7.11 -10.80
CA GLY A 454 -14.89 -6.20 -9.99
C GLY A 454 -14.10 -4.94 -9.67
N SER A 455 -12.89 -5.12 -9.16
CA SER A 455 -12.04 -3.99 -8.80
C SER A 455 -11.66 -3.13 -10.00
N PHE A 456 -11.43 -3.78 -11.14
CA PHE A 456 -11.04 -3.09 -12.36
C PHE A 456 -12.13 -2.20 -12.93
N ILE A 457 -13.32 -2.76 -13.15
CA ILE A 457 -14.37 -1.94 -13.74
C ILE A 457 -14.71 -0.72 -12.91
N MET A 458 -14.33 -0.74 -11.63
CA MET A 458 -14.63 0.36 -10.74
C MET A 458 -13.92 1.68 -11.08
N ASN A 459 -12.74 1.60 -11.65
CA ASN A 459 -12.01 2.80 -12.01
C ASN A 459 -11.48 2.69 -13.43
N VAL A 460 -12.14 1.86 -14.22
CA VAL A 460 -11.80 1.63 -15.61
C VAL A 460 -11.51 2.93 -16.37
N GLN A 461 -12.16 4.03 -15.98
CA GLN A 461 -11.92 5.30 -16.67
C GLN A 461 -10.46 5.78 -16.66
N GLU A 462 -9.64 5.24 -15.78
CA GLU A 462 -8.26 5.68 -15.76
C GLU A 462 -7.45 5.16 -16.96
N LEU A 463 -8.07 4.29 -17.76
CA LEU A 463 -7.44 3.77 -18.95
C LEU A 463 -7.19 4.97 -19.87
N ALA A 464 -8.12 5.93 -19.86
CA ALA A 464 -7.98 7.15 -20.65
C ALA A 464 -6.70 7.88 -20.21
N THR A 465 -6.46 7.93 -18.90
CA THR A 465 -5.28 8.58 -18.38
C THR A 465 -4.02 7.81 -18.83
N ILE A 466 -4.07 6.48 -18.74
CA ILE A 466 -2.93 5.66 -19.15
C ILE A 466 -2.48 6.02 -20.57
N ARG A 467 -3.46 6.08 -21.48
CA ARG A 467 -3.16 6.37 -22.87
C ARG A 467 -2.64 7.78 -23.07
N VAL A 468 -3.44 8.76 -22.67
CA VAL A 468 -3.08 10.16 -22.81
C VAL A 468 -1.73 10.48 -22.15
N GLU A 469 -1.41 9.79 -21.06
CA GLU A 469 -0.15 10.03 -20.37
C GLU A 469 0.99 9.13 -20.88
N ASN A 470 0.69 8.25 -21.85
CA ASN A 470 1.69 7.34 -22.42
C ASN A 470 2.44 6.58 -21.32
N LEU A 471 1.72 5.78 -20.56
CA LEU A 471 2.33 5.03 -19.47
C LEU A 471 2.28 3.53 -19.75
N PRO A 472 3.44 2.88 -19.75
CA PRO A 472 3.59 1.44 -20.01
C PRO A 472 2.96 0.55 -18.94
N VAL A 473 1.73 0.86 -18.56
CA VAL A 473 1.04 0.08 -17.54
C VAL A 473 0.50 -1.22 -18.13
N LYS A 474 0.86 -2.32 -17.48
CA LYS A 474 0.44 -3.65 -17.92
C LYS A 474 -0.66 -4.15 -16.99
N VAL A 475 -1.84 -4.43 -17.53
CA VAL A 475 -2.96 -4.89 -16.71
C VAL A 475 -3.20 -6.39 -16.87
N LEU A 476 -2.83 -7.18 -15.87
CA LEU A 476 -3.04 -8.62 -15.90
C LEU A 476 -4.35 -8.85 -15.17
N LEU A 477 -5.45 -8.73 -15.91
CA LEU A 477 -6.78 -8.89 -15.33
C LEU A 477 -7.22 -10.33 -15.12
N LEU A 478 -7.22 -10.77 -13.86
CA LEU A 478 -7.67 -12.13 -13.54
C LEU A 478 -9.18 -12.06 -13.52
N ASN A 479 -9.77 -12.46 -14.63
CA ASN A 479 -11.21 -12.40 -14.78
C ASN A 479 -11.93 -13.68 -14.37
N ASN A 480 -12.72 -13.61 -13.30
CA ASN A 480 -13.46 -14.77 -12.82
C ASN A 480 -14.97 -14.50 -12.82
N GLN A 481 -15.37 -13.44 -13.50
CA GLN A 481 -16.78 -13.07 -13.62
C GLN A 481 -17.56 -12.87 -12.32
N HIS A 482 -16.87 -12.90 -11.19
CA HIS A 482 -17.53 -12.73 -9.89
C HIS A 482 -16.79 -11.82 -8.91
N LEU A 483 -17.38 -11.69 -7.73
CA LEU A 483 -16.79 -10.94 -6.64
C LEU A 483 -16.21 -12.04 -5.76
N GLY A 484 -15.16 -12.67 -6.29
CA GLY A 484 -14.47 -13.79 -5.65
C GLY A 484 -14.39 -13.91 -4.15
N MET A 485 -13.73 -12.97 -3.51
CA MET A 485 -13.56 -13.01 -2.06
C MET A 485 -14.90 -13.02 -1.34
N VAL A 486 -15.91 -12.42 -1.97
CA VAL A 486 -17.24 -12.39 -1.37
C VAL A 486 -18.01 -13.68 -1.67
N MET A 487 -18.00 -14.12 -2.93
CA MET A 487 -18.70 -15.36 -3.29
C MET A 487 -18.09 -16.52 -2.51
N GLN A 488 -16.85 -16.33 -2.07
CA GLN A 488 -16.13 -17.35 -1.32
C GLN A 488 -16.67 -17.42 0.12
N TRP A 489 -16.81 -16.25 0.75
CA TRP A 489 -17.33 -16.16 2.10
C TRP A 489 -18.77 -16.67 2.18
N GLU A 490 -19.35 -16.96 1.03
CA GLU A 490 -20.72 -17.47 0.97
C GLU A 490 -20.69 -18.99 1.00
N ASP A 491 -19.79 -19.57 0.22
CA ASP A 491 -19.66 -21.02 0.16
C ASP A 491 -19.08 -21.54 1.48
N ARG A 492 -18.51 -20.64 2.27
CA ARG A 492 -17.89 -21.00 3.54
C ARG A 492 -18.79 -20.78 4.77
N PHE A 493 -19.61 -19.73 4.75
CA PHE A 493 -20.47 -19.45 5.89
C PHE A 493 -21.95 -19.25 5.58
N TYR A 494 -22.32 -19.20 4.30
CA TYR A 494 -23.72 -18.99 3.95
C TYR A 494 -24.31 -20.03 2.98
N LYS A 495 -23.79 -21.26 3.05
CA LYS A 495 -24.28 -22.35 2.21
C LYS A 495 -24.24 -22.01 0.71
N ALA A 496 -23.23 -21.27 0.29
CA ALA A 496 -23.04 -20.89 -1.11
C ALA A 496 -24.27 -20.22 -1.74
N ASN A 497 -24.87 -19.30 -1.02
CA ASN A 497 -26.05 -18.58 -1.51
C ASN A 497 -25.61 -17.28 -2.18
N ARG A 498 -25.75 -17.20 -3.50
CA ARG A 498 -25.35 -16.02 -4.26
C ARG A 498 -26.04 -14.73 -3.83
N ALA A 499 -25.25 -13.83 -3.25
CA ALA A 499 -25.72 -12.53 -2.77
C ALA A 499 -25.24 -11.42 -3.69
N HIS A 500 -25.79 -11.38 -4.90
CA HIS A 500 -25.42 -10.37 -5.89
C HIS A 500 -23.91 -10.34 -6.14
N THR A 501 -23.28 -11.50 -6.29
CA THR A 501 -21.85 -11.56 -6.53
C THR A 501 -21.51 -11.84 -8.00
N PHE A 502 -22.53 -12.07 -8.81
CA PHE A 502 -22.32 -12.32 -10.23
C PHE A 502 -22.20 -11.00 -10.96
N LEU A 503 -21.10 -10.79 -11.67
CA LEU A 503 -20.85 -9.55 -12.39
C LEU A 503 -21.14 -9.62 -13.88
N GLY A 504 -21.53 -10.80 -14.35
CA GLY A 504 -21.85 -10.97 -15.75
C GLY A 504 -23.30 -10.63 -16.03
N ASP A 505 -23.73 -10.84 -17.26
CA ASP A 505 -25.10 -10.56 -17.70
C ASP A 505 -25.96 -11.82 -17.66
N PRO A 506 -27.00 -11.83 -16.80
CA PRO A 506 -27.91 -12.98 -16.67
C PRO A 506 -28.58 -13.40 -17.97
N ALA A 507 -28.71 -12.46 -18.90
CA ALA A 507 -29.33 -12.73 -20.20
C ALA A 507 -28.49 -13.70 -21.04
N GLN A 508 -27.21 -13.83 -20.69
CA GLN A 508 -26.30 -14.73 -21.39
C GLN A 508 -25.11 -15.01 -20.49
N GLU A 509 -25.39 -15.67 -19.37
CA GLU A 509 -24.38 -16.02 -18.37
C GLU A 509 -23.24 -16.89 -18.87
N ASP A 510 -23.22 -17.17 -20.16
CA ASP A 510 -22.16 -17.98 -20.74
C ASP A 510 -21.14 -17.06 -21.42
N GLU A 511 -21.56 -15.82 -21.66
CA GLU A 511 -20.71 -14.82 -22.30
C GLU A 511 -19.95 -14.01 -21.26
N ILE A 512 -18.71 -13.65 -21.56
CA ILE A 512 -17.93 -12.87 -20.62
C ILE A 512 -18.40 -11.43 -20.67
N PHE A 513 -18.93 -10.95 -19.55
CA PHE A 513 -19.44 -9.60 -19.46
C PHE A 513 -18.91 -8.93 -18.20
N PRO A 514 -18.41 -7.69 -18.33
CA PRO A 514 -18.33 -6.94 -19.59
C PRO A 514 -17.14 -7.42 -20.41
N ASN A 515 -17.08 -6.98 -21.66
CA ASN A 515 -15.98 -7.33 -22.53
C ASN A 515 -14.85 -6.34 -22.25
N MET A 516 -14.00 -6.67 -21.28
CA MET A 516 -12.90 -5.81 -20.90
C MET A 516 -11.95 -5.42 -22.04
N LEU A 517 -12.00 -6.17 -23.14
CA LEU A 517 -11.13 -5.88 -24.28
C LEU A 517 -11.53 -4.58 -24.93
N LEU A 518 -12.84 -4.45 -25.15
CA LEU A 518 -13.40 -3.26 -25.75
C LEU A 518 -13.20 -2.00 -24.92
N PHE A 519 -13.02 -2.17 -23.61
CA PHE A 519 -12.79 -1.03 -22.73
C PHE A 519 -11.47 -0.38 -23.07
N ALA A 520 -10.46 -1.23 -23.25
CA ALA A 520 -9.12 -0.78 -23.60
C ALA A 520 -9.15 -0.26 -25.04
N ALA A 521 -9.96 -0.90 -25.87
CA ALA A 521 -10.08 -0.50 -27.25
C ALA A 521 -10.55 0.96 -27.33
N ALA A 522 -11.52 1.30 -26.49
CA ALA A 522 -12.06 2.65 -26.45
C ALA A 522 -10.98 3.66 -26.09
N CYS A 523 -9.99 3.23 -25.34
CA CYS A 523 -8.92 4.13 -24.92
C CYS A 523 -7.60 3.93 -25.63
N GLY A 524 -7.65 3.35 -26.84
CA GLY A 524 -6.43 3.13 -27.61
C GLY A 524 -5.39 2.26 -26.91
N ILE A 525 -5.86 1.31 -26.10
CA ILE A 525 -4.97 0.43 -25.35
C ILE A 525 -5.05 -0.99 -25.88
N PRO A 526 -3.96 -1.47 -26.52
CA PRO A 526 -3.93 -2.83 -27.06
C PRO A 526 -4.26 -3.90 -26.01
N ALA A 527 -5.08 -4.87 -26.38
CA ALA A 527 -5.48 -5.91 -25.45
C ALA A 527 -5.54 -7.30 -26.09
N ALA A 528 -5.81 -8.31 -25.26
CA ALA A 528 -5.91 -9.68 -25.71
C ALA A 528 -6.64 -10.48 -24.65
N ARG A 529 -7.01 -11.71 -25.00
CA ARG A 529 -7.70 -12.59 -24.06
C ARG A 529 -7.02 -13.94 -24.04
N VAL A 530 -7.08 -14.59 -22.89
CA VAL A 530 -6.49 -15.90 -22.74
C VAL A 530 -7.48 -16.74 -21.98
N THR A 531 -7.68 -17.97 -22.44
CA THR A 531 -8.61 -18.87 -21.79
C THR A 531 -7.94 -20.22 -21.57
N LYS A 532 -7.07 -20.58 -22.50
CA LYS A 532 -6.34 -21.84 -22.41
C LYS A 532 -5.03 -21.67 -21.65
N LYS A 533 -4.82 -22.50 -20.64
CA LYS A 533 -3.60 -22.46 -19.85
C LYS A 533 -2.38 -22.69 -20.76
N ALA A 534 -2.61 -23.33 -21.90
CA ALA A 534 -1.54 -23.64 -22.84
C ALA A 534 -0.89 -22.43 -23.51
N ASP A 535 -1.70 -21.48 -23.94
CA ASP A 535 -1.16 -20.28 -24.60
C ASP A 535 -1.01 -19.09 -23.66
N LEU A 536 -0.98 -19.38 -22.37
CA LEU A 536 -0.84 -18.36 -21.34
C LEU A 536 0.52 -17.67 -21.30
N ARG A 537 1.60 -18.39 -21.59
CA ARG A 537 2.94 -17.79 -21.59
C ARG A 537 3.09 -16.80 -22.74
N GLU A 538 2.77 -17.25 -23.94
CA GLU A 538 2.87 -16.41 -25.12
C GLU A 538 2.10 -15.12 -24.84
N ALA A 539 0.93 -15.29 -24.23
CA ALA A 539 0.06 -14.20 -23.87
C ALA A 539 0.79 -13.20 -23.00
N ILE A 540 1.21 -13.65 -21.82
CA ILE A 540 1.89 -12.77 -20.91
C ILE A 540 3.18 -12.22 -21.48
N GLN A 541 3.89 -13.01 -22.27
CA GLN A 541 5.13 -12.54 -22.87
C GLN A 541 4.83 -11.37 -23.79
N THR A 542 3.72 -11.48 -24.51
CA THR A 542 3.30 -10.43 -25.43
C THR A 542 3.00 -9.15 -24.68
N MET A 543 2.18 -9.27 -23.63
CA MET A 543 1.82 -8.11 -22.83
C MET A 543 3.09 -7.40 -22.35
N LEU A 544 4.11 -8.18 -22.00
CA LEU A 544 5.36 -7.61 -21.52
C LEU A 544 6.23 -7.00 -22.61
N ASP A 545 6.23 -7.62 -23.79
CA ASP A 545 7.06 -7.12 -24.89
C ASP A 545 6.45 -6.00 -25.70
N THR A 546 5.13 -5.92 -25.73
CA THR A 546 4.48 -4.87 -26.49
C THR A 546 4.75 -3.54 -25.79
N PRO A 547 5.57 -2.68 -26.41
CA PRO A 547 5.88 -1.39 -25.80
C PRO A 547 4.61 -0.59 -25.52
N GLY A 548 4.59 0.11 -24.40
CA GLY A 548 3.43 0.90 -24.03
C GLY A 548 2.48 0.15 -23.10
N PRO A 549 1.30 0.73 -22.84
CA PRO A 549 0.30 0.14 -21.96
C PRO A 549 -0.29 -1.12 -22.60
N TYR A 550 -0.70 -2.08 -21.79
CA TYR A 550 -1.28 -3.31 -22.33
C TYR A 550 -2.26 -3.91 -21.33
N LEU A 551 -3.27 -4.60 -21.86
CA LEU A 551 -4.27 -5.24 -21.04
C LEU A 551 -4.48 -6.68 -21.46
N LEU A 552 -4.23 -7.58 -20.53
CA LEU A 552 -4.41 -8.99 -20.79
C LEU A 552 -5.56 -9.50 -19.93
N ASP A 553 -6.65 -9.88 -20.58
CA ASP A 553 -7.81 -10.41 -19.90
C ASP A 553 -7.66 -11.92 -19.81
N VAL A 554 -7.21 -12.41 -18.66
CA VAL A 554 -7.01 -13.84 -18.46
C VAL A 554 -8.14 -14.51 -17.67
N ILE A 555 -9.02 -15.19 -18.40
CA ILE A 555 -10.17 -15.91 -17.86
C ILE A 555 -9.83 -17.03 -16.88
N CYS A 556 -10.54 -17.05 -15.75
CA CYS A 556 -10.33 -18.06 -14.71
C CYS A 556 -11.64 -18.61 -14.18
N PRO A 557 -11.64 -19.86 -13.70
CA PRO A 557 -12.84 -20.50 -13.14
C PRO A 557 -13.12 -19.90 -11.76
N HIS A 558 -14.32 -19.33 -11.58
CA HIS A 558 -14.68 -18.68 -10.31
C HIS A 558 -14.65 -19.54 -9.05
N GLN A 559 -14.97 -20.83 -9.20
CA GLN A 559 -15.00 -21.76 -8.08
C GLN A 559 -13.77 -21.73 -7.18
N GLU A 560 -12.63 -21.32 -7.73
CA GLU A 560 -11.38 -21.26 -6.96
C GLU A 560 -11.57 -20.58 -5.60
N HIS A 561 -10.81 -21.04 -4.61
CA HIS A 561 -10.85 -20.49 -3.26
C HIS A 561 -9.44 -20.19 -2.75
N VAL A 562 -9.30 -19.08 -2.02
CA VAL A 562 -8.02 -18.67 -1.48
C VAL A 562 -7.71 -19.42 -0.18
N LEU A 563 -6.75 -20.33 -0.26
CA LEU A 563 -6.35 -21.12 0.91
C LEU A 563 -4.84 -21.04 1.14
N PRO A 564 -4.40 -21.29 2.39
CA PRO A 564 -5.26 -21.62 3.53
C PRO A 564 -6.07 -20.42 3.99
N MET A 565 -7.03 -20.64 4.88
CA MET A 565 -7.88 -19.56 5.39
C MET A 565 -8.33 -19.76 6.84
N ILE A 566 -7.91 -18.86 7.72
CA ILE A 566 -8.31 -18.92 9.13
C ILE A 566 -9.49 -17.96 9.31
N PRO A 567 -10.70 -18.52 9.54
CA PRO A 567 -11.89 -17.69 9.71
C PRO A 567 -11.69 -16.52 10.67
N SER A 568 -12.52 -15.49 10.51
CA SER A 568 -12.45 -14.30 11.34
C SER A 568 -12.57 -14.59 12.83
N GLY A 569 -11.50 -14.29 13.57
CA GLY A 569 -11.49 -14.52 15.00
C GLY A 569 -11.02 -15.90 15.41
N GLY A 570 -10.85 -16.77 14.42
CA GLY A 570 -10.41 -18.13 14.70
C GLY A 570 -8.99 -18.23 15.24
N THR A 571 -8.44 -19.45 15.19
CA THR A 571 -7.10 -19.71 15.66
C THR A 571 -6.37 -20.61 14.66
N PHE A 572 -5.10 -20.92 14.94
CA PHE A 572 -4.31 -21.77 14.06
C PHE A 572 -4.97 -23.13 13.86
N ASN A 573 -5.79 -23.55 14.82
CA ASN A 573 -6.47 -24.84 14.74
C ASN A 573 -7.77 -24.76 13.94
N ASP A 574 -8.00 -23.64 13.29
CA ASP A 574 -9.20 -23.44 12.48
C ASP A 574 -8.82 -23.25 11.01
N VAL A 575 -7.53 -23.34 10.73
CA VAL A 575 -7.01 -23.17 9.38
C VAL A 575 -7.65 -24.15 8.39
N ILE A 576 -8.33 -23.59 7.38
CA ILE A 576 -8.99 -24.39 6.36
C ILE A 576 -8.01 -24.57 5.19
N THR A 577 -7.97 -25.78 4.64
CA THR A 577 -7.05 -26.05 3.53
C THR A 577 -7.66 -26.83 2.37
N GLU A 578 -8.96 -27.10 2.44
CA GLU A 578 -9.64 -27.85 1.38
C GLU A 578 -11.06 -27.36 1.13
N GLY A 579 -11.37 -27.07 -0.13
CA GLY A 579 -12.70 -26.61 -0.47
C GLY A 579 -12.77 -25.57 -1.57
N ASP A 580 -13.89 -25.57 -2.29
CA ASP A 580 -14.14 -24.63 -3.38
C ASP A 580 -15.59 -24.73 -3.86
N GLY A 581 -15.80 -24.59 -5.16
CA GLY A 581 -17.15 -24.68 -5.70
C GLY A 581 -17.18 -25.38 -7.04
N ARG A 582 -16.65 -26.60 -7.07
CA ARG A 582 -16.60 -27.39 -8.31
C ARG A 582 -17.84 -28.28 -8.47
MG MG B . -12.96 -11.24 -10.00
C5' 1IQ C . -0.92 13.93 18.67
C6' 1IQ C . 0.53 14.26 18.42
C7' 1IQ C . 1.06 15.50 18.87
C8' 1IQ C . 0.25 16.42 19.54
C9' 1IQ C . -1.09 16.13 19.76
CA' 1IQ C . -1.70 14.89 19.34
N1' 1IQ C . 1.34 13.30 17.74
C4' 1IQ C . -1.41 12.69 18.20
C3' 1IQ C . -0.56 11.76 17.53
C2' 1IQ C . 0.82 12.07 17.31
CB' 1IQ C . -1.14 10.38 17.04
OC' 1IQ C . -0.89 9.32 17.55
OD' 1IQ C . -1.90 10.44 16.07
N3 1IQ C . 2.59 10.40 17.36
C2 1IQ C . 1.81 11.20 16.63
N1 1IQ C . 1.94 11.19 15.29
C5 1IQ C . 2.94 10.29 15.01
C4 1IQ C . 3.38 9.74 16.34
O6 1IQ C . 3.32 10.02 13.89
C8 1IQ C . 4.91 9.91 16.72
C7 1IQ C . 3.21 8.22 16.48
C10 1IQ C . 5.36 11.38 16.69
C9 1IQ C . 5.86 9.14 15.77
C5' 1IQ D . -12.61 -10.66 14.29
C6' 1IQ D . -14.07 -10.68 14.07
C7' 1IQ D . -14.97 -11.13 15.12
C8' 1IQ D . -14.44 -11.59 16.39
C9' 1IQ D . -13.00 -11.59 16.63
CA' 1IQ D . -12.07 -11.13 15.60
N1' 1IQ D . -14.62 -10.24 12.85
C4' 1IQ D . -11.75 -10.21 13.26
C3' 1IQ D . -12.30 -9.75 11.96
C2' 1IQ D . -13.81 -9.76 11.75
CB' 1IQ D . -11.36 -9.26 10.83
OC' 1IQ D . -10.98 -8.10 10.77
OD' 1IQ D . -10.99 -10.09 9.99
N3 1IQ D . -14.14 -8.34 9.54
C2 1IQ D . -14.49 -9.28 10.39
N1 1IQ D . -15.62 -9.92 10.01
C5 1IQ D . -16.02 -9.33 8.81
C4 1IQ D . -15.04 -8.18 8.35
O6 1IQ D . -17.03 -9.68 8.18
C8 1IQ D . -15.62 -6.65 8.51
C7 1IQ D . -14.17 -8.45 7.08
C10 1IQ D . -17.07 -6.47 9.07
C9 1IQ D . -15.64 -5.85 7.13
C3' NHE E . -2.49 15.06 15.27
C2' NHE E . -2.62 16.61 15.01
C1' NHE E . -1.20 17.21 15.27
C6' NHE E . -0.22 16.56 14.21
N NHE E . -1.18 18.70 15.30
C1 NHE E . -0.27 19.10 16.33
C2 NHE E . -0.08 20.54 16.55
S NHE E . 1.11 20.50 17.87
O1 NHE E . 2.51 19.72 17.51
O2 NHE E . 1.48 22.03 18.29
O3 NHE E . 0.44 19.66 19.13
C5' NHE E . -0.15 15.11 14.40
C4' NHE E . -1.43 14.43 14.28
PA FAD F . 0.70 -1.41 8.86
O1A FAD F . 1.07 -0.47 7.78
O2A FAD F . -0.69 -1.62 9.17
O5B FAD F . 1.33 -1.05 10.17
C5B FAD F . 2.75 -0.72 10.20
C4B FAD F . 3.12 -0.50 11.63
O4B FAD F . 4.51 -0.20 11.63
C3B FAD F . 2.46 0.64 12.54
O3B FAD F . 2.14 0.29 13.87
C2B FAD F . 3.44 1.75 12.35
O2B FAD F . 3.32 2.93 13.04
C1B FAD F . 4.73 0.94 12.44
N9A FAD F . 5.98 1.62 11.89
C8A FAD F . 5.93 2.44 10.68
N7A FAD F . 7.04 2.97 10.31
C5A FAD F . 7.93 2.57 11.22
C6A FAD F . 9.45 2.75 11.52
N6A FAD F . 10.20 3.48 10.72
N1A FAD F . 10.05 2.11 12.69
C2A FAD F . 9.23 1.30 13.59
N3A FAD F . 7.87 1.07 13.41
C4A FAD F . 7.26 1.71 12.24
N1 FAD F . -2.64 -9.17 6.34
C2 FAD F . -1.93 -10.22 6.73
O2 FAD F . -0.83 -10.00 7.19
N3 FAD F . -2.38 -11.55 6.51
C4 FAD F . -3.60 -11.82 5.84
O4 FAD F . -4.06 -12.97 5.73
C4X FAD F . -4.34 -10.66 5.33
N5 FAD F . -5.50 -10.86 4.61
C5X FAD F . -6.16 -9.76 4.12
C6 FAD F . -7.25 -10.00 3.23
C7 FAD F . -7.87 -8.94 2.54
C7M FAD F . -8.90 -9.28 1.49
C8 FAD F . -7.41 -7.55 2.77
C8M FAD F . -7.93 -6.36 1.98
C9 FAD F . -6.38 -7.31 3.73
C9A FAD F . -5.69 -8.38 4.37
N10 FAD F . -4.57 -8.21 5.23
C10 FAD F . -3.83 -9.34 5.64
C1' FAD F . -3.93 -6.84 5.40
C2' FAD F . -4.28 -6.48 6.77
O2' FAD F . -5.57 -5.91 6.86
C3' FAD F . -3.37 -5.44 7.48
O3' FAD F . -3.39 -4.21 6.56
C4' FAD F . -1.84 -5.80 7.58
O4' FAD F . -1.76 -7.13 8.29
C5' FAD F . -1.18 -4.77 8.38
O5' FAD F . 0.21 -5.14 8.43
P FAD F . 1.24 -4.27 9.19
O1P FAD F . 0.80 -4.23 10.61
O2P FAD F . 2.49 -4.91 9.03
O3P FAD F . 1.30 -2.84 8.47
N1' TPP G . -16.59 -2.07 -2.32
C2' TPP G . -15.33 -1.42 -2.17
CM2 TPP G . -15.02 -0.07 -2.74
N3' TPP G . -14.34 -2.04 -1.47
C4' TPP G . -14.52 -3.36 -0.86
N4' TPP G . -13.46 -3.87 -0.19
C5' TPP G . -15.83 -4.10 -0.99
C6' TPP G . -16.88 -3.38 -1.76
C7' TPP G . -16.15 -5.49 -0.41
N3 TPP G . -15.24 -6.59 -0.96
C2 TPP G . -14.26 -7.04 -0.17
S1 TPP G . -13.27 -8.29 -0.89
C5 TPP G . -14.24 -8.21 -2.37
C4 TPP G . -15.30 -7.21 -2.24
CM4 TPP G . -16.36 -6.83 -3.30
C6 TPP G . -13.95 -9.11 -3.58
C7 TPP G . -14.36 -9.03 -5.08
O7 TPP G . -13.71 -8.38 -6.40
PA TPP G . -12.97 -8.75 -7.67
O1A TPP G . -13.80 -9.29 -8.71
O2A TPP G . -12.30 -7.58 -8.12
O3A TPP G . -11.88 -9.88 -7.41
PB TPP G . -11.86 -11.38 -6.91
O1B TPP G . -12.02 -11.36 -5.48
O2B TPP G . -10.59 -11.81 -7.44
O3B TPP G . -12.99 -12.00 -7.63
#